data_3AF5
#
_entry.id   3AF5
#
_cell.length_a   86.200
_cell.length_b   86.200
_cell.length_c   238.287
_cell.angle_alpha   90.00
_cell.angle_beta   90.00
_cell.angle_gamma   90.00
#
_symmetry.space_group_name_H-M   'P 43 21 2'
#
loop_
_entity.id
_entity.type
_entity.pdbx_description
1 polymer 'Putative uncharacterized protein PH1404'
2 non-polymer 'SULFATE ION'
3 non-polymer 'ACETIC ACID'
4 non-polymer 'ZINC ION'
5 water water
#
_entity_poly.entity_id   1
_entity_poly.type   'polypeptide(L)'
_entity_poly.pdbx_seq_one_letter_code
;MTFLIKRETQVDQILRDIRAVVNQMVPKEAKITEIEFEGPELVIYVKNPEAIMKDGELIKDLAKVLKKRISVRPDPEVLL
PPEEAEKLIFEIVPKEAEITNIAFDPSVGEVLIEAKKPGLVIGKNGETLRLITQKVKWAPKVVRTPPLQSQTIYSIRQIL
QTESKDRRKFLRQVGRNIYRKPEYKSRWIRITGLGGFREVGRSALLVQTDESFVLVDFGVNVAMLNDPYKAFPHFDAPEF
QYVLREGLLDAIIITHAHLDHCGMLPYLFRYNLFDGPIYTTPPTRDLMVLLQKDFIEIQQSNGQDPLYRPRDIKEVIKHT
ITLDYGEVRDISPDIRLTLHNAGHILGSAIVHLHIGNGLHNIAITGDFKFIPTRLLEPANAKFPRLETLVMESTYGGAND
IQMPREEAEKRLIEVIHNTIKRGGKVLIPAMAVGRAQEVMMVLEEYARIGGIEVPIYLDGMIWEATAIHTAYPEYLSRRL
REQIFKEGYNPFLSEIFHPVANSRERQDIIDSNEPAIIIASSGMLVGGPSVEYFKQLAPDPKNSIIFVSYQAEGTLGRQV
QSGIREIPMVGEEGRTEVIKVNMEVHTIDGFSGHADRRELMNYVAKVRPRPERIITVHGEPQKCLDLATSIHRKFGISTR
APNNLDTIRLR
;
_entity_poly.pdbx_strand_id   A
#
loop_
_chem_comp.id
_chem_comp.type
_chem_comp.name
_chem_comp.formula
ACY non-polymer 'ACETIC ACID' 'C2 H4 O2'
SO4 non-polymer 'SULFATE ION' 'O4 S -2'
ZN non-polymer 'ZINC ION' 'Zn 2'
#
# COMPACT_ATOMS: atom_id res chain seq x y z
N THR A 9 -8.15 -32.07 1.65
CA THR A 9 -8.75 -31.04 2.54
C THR A 9 -9.78 -31.63 3.50
N GLN A 10 -9.52 -31.52 4.79
CA GLN A 10 -10.44 -32.03 5.79
C GLN A 10 -11.16 -30.87 6.46
N VAL A 11 -11.50 -29.85 5.68
CA VAL A 11 -12.18 -28.67 6.21
C VAL A 11 -13.53 -28.97 6.85
N ASP A 12 -14.39 -29.69 6.15
CA ASP A 12 -15.72 -30.00 6.67
C ASP A 12 -15.74 -30.93 7.89
N GLN A 13 -14.62 -31.61 8.14
CA GLN A 13 -14.54 -32.49 9.30
C GLN A 13 -14.20 -31.59 10.51
N ILE A 14 -13.61 -30.44 10.22
CA ILE A 14 -13.26 -29.46 11.23
C ILE A 14 -14.50 -28.64 11.52
N LEU A 15 -15.20 -28.28 10.44
CA LEU A 15 -16.44 -27.50 10.55
C LEU A 15 -17.51 -28.30 11.27
N ARG A 16 -17.42 -29.62 11.15
CA ARG A 16 -18.39 -30.50 11.80
C ARG A 16 -18.24 -30.43 13.32
N ASP A 17 -17.00 -30.45 13.80
CA ASP A 17 -16.75 -30.38 15.23
C ASP A 17 -17.06 -29.00 15.80
N ILE A 18 -16.97 -27.98 14.95
CA ILE A 18 -17.26 -26.62 15.38
C ILE A 18 -18.77 -26.47 15.52
N ARG A 19 -19.49 -26.90 14.47
CA ARG A 19 -20.95 -26.84 14.45
C ARG A 19 -21.56 -27.61 15.62
N ALA A 20 -20.73 -28.41 16.29
CA ALA A 20 -21.20 -29.20 17.43
C ALA A 20 -21.14 -28.39 18.71
N VAL A 21 -19.98 -27.80 18.97
CA VAL A 21 -19.79 -27.00 20.17
C VAL A 21 -20.55 -25.66 20.09
N VAL A 22 -20.74 -25.15 18.88
CA VAL A 22 -21.44 -23.89 18.68
C VAL A 22 -22.94 -24.11 18.90
N ASN A 23 -23.44 -25.28 18.51
CA ASN A 23 -24.84 -25.62 18.71
C ASN A 23 -24.95 -26.25 20.10
N GLN A 24 -24.06 -25.82 20.99
CA GLN A 24 -24.01 -26.30 22.35
C GLN A 24 -23.76 -25.11 23.29
N MET A 25 -23.38 -23.98 22.69
CA MET A 25 -23.11 -22.75 23.45
C MET A 25 -23.97 -21.60 22.93
N VAL A 26 -24.79 -21.86 21.92
CA VAL A 26 -25.64 -20.83 21.34
C VAL A 26 -27.12 -21.09 21.58
N PRO A 27 -27.86 -20.03 22.00
CA PRO A 27 -29.30 -20.11 22.28
C PRO A 27 -30.03 -20.80 21.14
N LYS A 28 -30.54 -22.00 21.40
CA LYS A 28 -31.25 -22.76 20.38
C LYS A 28 -32.51 -22.05 19.91
N GLU A 29 -32.85 -20.95 20.57
CA GLU A 29 -34.01 -20.15 20.18
C GLU A 29 -33.46 -19.25 19.06
N ALA A 30 -32.15 -19.02 19.14
CA ALA A 30 -31.44 -18.21 18.17
C ALA A 30 -31.26 -19.06 16.91
N LYS A 31 -32.28 -19.05 16.06
CA LYS A 31 -32.26 -19.84 14.82
C LYS A 31 -31.02 -19.71 13.95
N ILE A 32 -29.98 -20.48 14.31
CA ILE A 32 -28.73 -20.48 13.54
C ILE A 32 -29.05 -21.05 12.18
N THR A 33 -28.78 -20.29 11.13
CA THR A 33 -29.06 -20.75 9.77
C THR A 33 -27.83 -21.32 9.09
N GLU A 34 -26.65 -20.94 9.55
CA GLU A 34 -25.41 -21.44 8.94
C GLU A 34 -24.14 -21.13 9.73
N ILE A 35 -23.14 -21.98 9.50
CA ILE A 35 -21.84 -21.85 10.15
C ILE A 35 -20.79 -22.23 9.11
N GLU A 36 -19.91 -21.30 8.79
CA GLU A 36 -18.87 -21.57 7.81
C GLU A 36 -17.71 -20.59 7.89
N PHE A 37 -16.60 -20.99 7.28
CA PHE A 37 -15.42 -20.14 7.25
C PHE A 37 -15.57 -19.19 6.07
N GLU A 38 -15.31 -17.91 6.31
CA GLU A 38 -15.40 -16.89 5.27
C GLU A 38 -14.16 -16.03 5.42
N GLY A 39 -13.18 -16.26 4.56
CA GLY A 39 -11.94 -15.52 4.66
C GLY A 39 -11.21 -16.06 5.87
N PRO A 40 -10.45 -15.23 6.58
CA PRO A 40 -9.72 -15.66 7.77
C PRO A 40 -10.57 -15.70 9.04
N GLU A 41 -11.75 -16.30 8.98
CA GLU A 41 -12.58 -16.35 10.17
C GLU A 41 -13.83 -17.22 10.08
N LEU A 42 -14.41 -17.48 11.25
CA LEU A 42 -15.61 -18.30 11.37
C LEU A 42 -16.80 -17.38 11.48
N VAL A 43 -17.82 -17.65 10.69
CA VAL A 43 -19.01 -16.82 10.72
C VAL A 43 -20.22 -17.70 11.05
N ILE A 44 -21.06 -17.19 11.95
CA ILE A 44 -22.26 -17.89 12.37
C ILE A 44 -23.47 -17.00 12.09
N TYR A 45 -24.27 -17.37 11.10
CA TYR A 45 -25.46 -16.62 10.72
C TYR A 45 -26.68 -17.03 11.55
N VAL A 46 -27.50 -16.05 11.96
CA VAL A 46 -28.69 -16.32 12.75
C VAL A 46 -29.82 -15.31 12.53
N LYS A 47 -31.04 -15.80 12.34
CA LYS A 47 -32.21 -14.95 12.14
C LYS A 47 -32.78 -14.56 13.50
N ASN A 48 -32.07 -13.74 14.28
CA ASN A 48 -32.56 -13.35 15.61
C ASN A 48 -31.53 -12.63 16.46
N PRO A 49 -31.04 -11.47 16.01
CA PRO A 49 -30.04 -10.74 16.80
C PRO A 49 -30.26 -10.82 18.32
N GLU A 50 -29.19 -11.18 19.04
CA GLU A 50 -29.20 -11.31 20.49
C GLU A 50 -30.32 -12.22 20.99
N GLY A 56 -23.30 -10.41 21.64
CA GLY A 56 -23.15 -9.85 23.03
C GLY A 56 -21.79 -10.16 23.63
N GLU A 57 -21.80 -10.91 24.73
CA GLU A 57 -20.56 -11.28 25.41
C GLU A 57 -20.31 -12.79 25.38
N LEU A 58 -20.98 -13.48 24.46
CA LEU A 58 -20.82 -14.92 24.30
C LEU A 58 -19.78 -15.17 23.21
N ILE A 59 -19.62 -14.19 22.34
CA ILE A 59 -18.66 -14.25 21.25
C ILE A 59 -17.29 -14.36 21.92
N LYS A 60 -17.02 -13.41 22.79
CA LYS A 60 -15.78 -13.35 23.55
C LYS A 60 -15.39 -14.71 24.13
N ASP A 61 -16.41 -15.53 24.43
CA ASP A 61 -16.20 -16.84 25.02
C ASP A 61 -16.05 -17.95 23.98
N LEU A 62 -17.16 -18.29 23.33
CA LEU A 62 -17.20 -19.33 22.30
C LEU A 62 -15.99 -19.21 21.38
N ALA A 63 -15.46 -18.00 21.25
CA ALA A 63 -14.30 -17.75 20.41
C ALA A 63 -13.04 -18.31 21.06
N LYS A 64 -12.80 -17.93 22.31
CA LYS A 64 -11.61 -18.39 23.01
C LYS A 64 -11.70 -19.88 23.36
N VAL A 65 -12.88 -20.46 23.12
CA VAL A 65 -13.10 -21.88 23.36
C VAL A 65 -12.71 -22.63 22.09
N LEU A 66 -13.09 -22.04 20.95
CA LEU A 66 -12.79 -22.63 19.64
C LEU A 66 -11.42 -22.24 19.11
N LYS A 67 -10.77 -21.30 19.80
CA LYS A 67 -9.44 -20.84 19.40
C LYS A 67 -9.44 -20.21 18.01
N LYS A 68 -10.60 -19.75 17.55
CA LYS A 68 -10.73 -19.11 16.24
C LYS A 68 -11.46 -17.76 16.30
N ARG A 69 -11.29 -16.96 15.26
CA ARG A 69 -11.92 -15.65 15.17
C ARG A 69 -13.36 -15.83 14.67
N ILE A 70 -14.33 -15.51 15.51
CA ILE A 70 -15.73 -15.66 15.13
C ILE A 70 -16.45 -14.33 14.93
N SER A 71 -17.47 -14.37 14.08
CA SER A 71 -18.28 -13.21 13.77
C SER A 71 -19.72 -13.67 13.54
N VAL A 72 -20.63 -13.25 14.42
CA VAL A 72 -22.02 -13.62 14.30
C VAL A 72 -22.79 -12.55 13.53
N ARG A 73 -23.66 -12.98 12.62
CA ARG A 73 -24.45 -12.04 11.84
C ARG A 73 -25.84 -12.59 11.58
N PRO A 74 -26.74 -11.73 11.09
CA PRO A 74 -28.11 -12.19 10.80
C PRO A 74 -28.13 -12.84 9.43
N ASP A 75 -28.97 -13.84 9.23
CA ASP A 75 -29.04 -14.49 7.93
C ASP A 75 -29.21 -13.36 6.91
N PRO A 76 -28.51 -13.45 5.77
CA PRO A 76 -28.60 -12.41 4.74
C PRO A 76 -30.02 -12.21 4.18
N GLU A 77 -30.93 -13.07 4.61
CA GLU A 77 -32.31 -13.01 4.17
C GLU A 77 -33.11 -11.96 4.94
N VAL A 78 -32.84 -11.85 6.25
CA VAL A 78 -33.52 -10.89 7.10
C VAL A 78 -32.91 -9.49 6.96
N LEU A 79 -32.43 -9.17 5.77
CA LEU A 79 -31.81 -7.86 5.50
C LEU A 79 -32.65 -7.08 4.49
N LEU A 80 -33.13 -5.92 4.90
CA LEU A 80 -33.94 -5.06 4.03
C LEU A 80 -33.11 -4.67 2.81
N PRO A 81 -33.69 -4.78 1.61
CA PRO A 81 -32.95 -4.42 0.39
C PRO A 81 -32.24 -3.07 0.49
N PRO A 82 -31.17 -2.87 -0.30
CA PRO A 82 -30.40 -1.63 -0.31
C PRO A 82 -31.21 -0.39 -0.66
N GLU A 83 -31.86 -0.42 -1.81
CA GLU A 83 -32.67 0.71 -2.28
C GLU A 83 -33.82 1.03 -1.31
N GLU A 84 -34.09 0.11 -0.39
CA GLU A 84 -35.16 0.30 0.58
C GLU A 84 -34.67 0.84 1.92
N ALA A 85 -33.85 0.05 2.61
CA ALA A 85 -33.31 0.45 3.91
C ALA A 85 -32.50 1.74 3.79
N GLU A 86 -32.18 2.11 2.55
CA GLU A 86 -31.40 3.33 2.29
C GLU A 86 -32.24 4.58 2.52
N LYS A 87 -33.57 4.41 2.55
CA LYS A 87 -34.46 5.55 2.77
C LYS A 87 -34.97 5.50 4.21
N LEU A 88 -34.99 4.31 4.79
CA LEU A 88 -35.42 4.12 6.16
C LEU A 88 -34.38 4.76 7.08
N ILE A 89 -33.15 4.85 6.58
CA ILE A 89 -32.05 5.43 7.36
C ILE A 89 -32.08 6.96 7.37
N PHE A 90 -32.31 7.57 6.21
CA PHE A 90 -32.39 9.03 6.12
C PHE A 90 -33.59 9.50 6.93
N GLU A 91 -34.30 8.53 7.49
CA GLU A 91 -35.49 8.75 8.29
C GLU A 91 -35.24 8.53 9.77
N ILE A 92 -34.43 7.53 10.08
CA ILE A 92 -34.11 7.18 11.46
C ILE A 92 -32.90 7.93 12.02
N VAL A 93 -32.33 8.84 11.23
CA VAL A 93 -31.15 9.61 11.67
C VAL A 93 -31.34 11.12 11.47
N PRO A 94 -30.90 11.92 12.46
CA PRO A 94 -31.00 13.38 12.45
C PRO A 94 -30.49 14.02 11.16
N LYS A 95 -31.27 14.94 10.61
CA LYS A 95 -30.89 15.63 9.37
C LYS A 95 -29.63 16.47 9.58
N GLU A 96 -29.35 16.78 10.85
CA GLU A 96 -28.17 17.58 11.17
C GLU A 96 -26.91 16.70 11.11
N ALA A 97 -27.10 15.39 11.29
CA ALA A 97 -25.99 14.45 11.23
C ALA A 97 -25.32 14.61 9.87
N GLU A 98 -26.09 15.13 8.92
CA GLU A 98 -25.59 15.38 7.58
C GLU A 98 -24.91 14.17 6.95
N ILE A 99 -25.72 13.24 6.43
CA ILE A 99 -25.18 12.04 5.80
C ILE A 99 -24.82 12.30 4.35
N THR A 100 -23.52 12.43 4.08
CA THR A 100 -23.02 12.69 2.74
C THR A 100 -23.17 11.47 1.80
N ASN A 101 -22.80 10.30 2.29
CA ASN A 101 -22.90 9.08 1.49
C ASN A 101 -23.35 7.88 2.31
N ILE A 102 -23.81 6.85 1.61
CA ILE A 102 -24.28 5.62 2.25
C ILE A 102 -24.10 4.46 1.27
N ALA A 103 -23.31 3.47 1.66
CA ALA A 103 -23.05 2.32 0.81
C ALA A 103 -23.36 0.98 1.48
N PHE A 104 -23.43 -0.07 0.67
CA PHE A 104 -23.73 -1.42 1.16
C PHE A 104 -22.69 -2.44 0.71
N ASP A 105 -22.44 -3.44 1.54
CA ASP A 105 -21.49 -4.50 1.21
C ASP A 105 -22.09 -5.83 1.66
N PRO A 106 -23.04 -6.35 0.88
CA PRO A 106 -23.73 -7.62 1.18
C PRO A 106 -22.84 -8.84 1.39
N SER A 107 -21.57 -8.75 1.00
CA SER A 107 -20.67 -9.89 1.19
C SER A 107 -20.34 -10.01 2.66
N VAL A 108 -20.76 -9.01 3.44
CA VAL A 108 -20.53 -8.98 4.87
C VAL A 108 -21.77 -8.51 5.62
N GLY A 109 -22.83 -8.19 4.89
CA GLY A 109 -24.05 -7.72 5.52
C GLY A 109 -23.67 -6.56 6.40
N GLU A 110 -23.24 -5.47 5.77
CA GLU A 110 -22.79 -4.30 6.49
C GLU A 110 -23.06 -3.03 5.70
N VAL A 111 -23.64 -2.02 6.37
CA VAL A 111 -23.95 -0.74 5.73
C VAL A 111 -22.96 0.34 6.16
N LEU A 112 -22.27 0.91 5.17
CA LEU A 112 -21.29 1.95 5.41
C LEU A 112 -21.98 3.30 5.32
N ILE A 113 -22.09 3.99 6.45
CA ILE A 113 -22.74 5.30 6.51
C ILE A 113 -21.71 6.40 6.69
N GLU A 114 -21.74 7.40 5.80
CA GLU A 114 -20.78 8.50 5.84
C GLU A 114 -21.50 9.82 6.15
N ALA A 115 -20.95 10.61 7.06
CA ALA A 115 -21.55 11.89 7.44
C ALA A 115 -20.55 12.89 8.00
N LYS A 116 -20.82 14.18 7.80
CA LYS A 116 -19.94 15.24 8.30
C LYS A 116 -19.97 15.30 9.83
N LYS A 117 -21.11 14.94 10.41
CA LYS A 117 -21.26 14.94 11.86
C LYS A 117 -21.69 13.54 12.30
N PRO A 118 -20.75 12.58 12.25
CA PRO A 118 -20.94 11.17 12.61
C PRO A 118 -21.40 10.92 14.03
N GLY A 119 -21.46 11.95 14.85
CA GLY A 119 -21.88 11.80 16.23
C GLY A 119 -23.38 11.58 16.35
N LEU A 120 -24.15 12.43 15.68
CA LEU A 120 -25.60 12.34 15.71
C LEU A 120 -26.13 11.13 14.95
N VAL A 121 -25.23 10.41 14.30
CA VAL A 121 -25.61 9.23 13.54
C VAL A 121 -25.14 7.95 14.23
N ILE A 122 -24.12 8.08 15.07
CA ILE A 122 -23.56 6.94 15.81
C ILE A 122 -24.26 6.80 17.16
N GLY A 123 -25.28 7.63 17.38
CA GLY A 123 -26.01 7.60 18.63
C GLY A 123 -25.27 8.40 19.68
N LYS A 124 -25.91 9.42 20.21
CA LYS A 124 -25.30 10.26 21.24
C LYS A 124 -24.80 9.41 22.42
N ASN A 125 -25.23 8.15 22.45
CA ASN A 125 -24.82 7.22 23.48
C ASN A 125 -24.71 5.83 22.87
N GLY A 126 -24.10 5.76 21.70
CA GLY A 126 -23.95 4.48 21.00
C GLY A 126 -25.32 3.89 20.73
N GLU A 127 -26.36 4.64 21.11
CA GLU A 127 -27.73 4.22 20.95
C GLU A 127 -28.24 4.22 19.50
N THR A 128 -28.27 5.39 18.86
CA THR A 128 -28.74 5.49 17.48
C THR A 128 -28.05 4.47 16.58
N LEU A 129 -26.94 3.93 17.08
CA LEU A 129 -26.17 2.93 16.34
C LEU A 129 -26.99 1.64 16.32
N ARG A 130 -27.43 1.19 17.49
CA ARG A 130 -28.23 -0.02 17.61
C ARG A 130 -29.67 0.28 17.21
N LEU A 131 -30.06 1.54 17.31
CA LEU A 131 -31.41 1.96 16.97
C LEU A 131 -31.71 1.64 15.51
N ILE A 132 -30.80 2.03 14.63
CA ILE A 132 -30.97 1.78 13.20
C ILE A 132 -30.53 0.36 12.84
N THR A 133 -29.64 -0.20 13.65
CA THR A 133 -29.15 -1.55 13.41
C THR A 133 -30.32 -2.54 13.39
N GLN A 134 -31.29 -2.32 14.28
CA GLN A 134 -32.45 -3.20 14.38
C GLN A 134 -33.45 -3.01 13.24
N LYS A 135 -33.74 -1.75 12.92
CA LYS A 135 -34.70 -1.42 11.86
C LYS A 135 -34.35 -1.95 10.48
N VAL A 136 -33.09 -2.30 10.25
CA VAL A 136 -32.69 -2.82 8.94
C VAL A 136 -31.85 -4.10 9.03
N LYS A 137 -31.50 -4.48 10.26
CA LYS A 137 -30.70 -5.68 10.51
C LYS A 137 -29.26 -5.60 10.00
N TRP A 138 -29.00 -4.71 9.04
CA TRP A 138 -27.65 -4.57 8.50
C TRP A 138 -26.69 -4.08 9.59
N ALA A 139 -25.41 -4.40 9.42
CA ALA A 139 -24.39 -3.98 10.38
C ALA A 139 -23.94 -2.58 10.01
N PRO A 140 -24.25 -1.59 10.86
CA PRO A 140 -23.87 -0.19 10.61
C PRO A 140 -22.42 0.14 10.94
N LYS A 141 -21.82 0.96 10.09
CA LYS A 141 -20.44 1.40 10.28
C LYS A 141 -20.35 2.85 9.82
N VAL A 142 -20.21 3.77 10.77
CA VAL A 142 -20.14 5.19 10.47
C VAL A 142 -18.72 5.67 10.15
N VAL A 143 -18.63 6.55 9.17
CA VAL A 143 -17.36 7.11 8.72
C VAL A 143 -17.49 8.62 8.53
N ARG A 144 -16.58 9.38 9.14
CA ARG A 144 -16.63 10.83 8.98
C ARG A 144 -16.30 11.19 7.53
N THR A 145 -17.10 12.08 6.95
CA THR A 145 -16.90 12.50 5.56
C THR A 145 -15.49 13.02 5.35
N PRO A 146 -14.77 12.44 4.37
CA PRO A 146 -13.39 12.90 4.11
C PRO A 146 -13.43 14.30 3.51
N PRO A 147 -12.41 15.13 3.82
CA PRO A 147 -12.33 16.49 3.30
C PRO A 147 -12.15 16.61 1.79
N LEU A 148 -11.78 15.50 1.16
CA LEU A 148 -11.58 15.43 -0.29
C LEU A 148 -12.17 14.12 -0.77
N GLN A 149 -12.88 14.16 -1.89
CA GLN A 149 -13.48 12.94 -2.43
C GLN A 149 -12.55 12.27 -3.43
N SER A 150 -12.39 10.97 -3.28
CA SER A 150 -11.54 10.15 -4.13
C SER A 150 -12.30 9.33 -5.14
N GLN A 151 -11.94 9.44 -6.42
CA GLN A 151 -12.57 8.66 -7.49
C GLN A 151 -12.27 7.18 -7.26
N THR A 152 -11.04 6.89 -6.84
CA THR A 152 -10.60 5.53 -6.58
C THR A 152 -11.42 4.89 -5.48
N ILE A 153 -11.57 5.60 -4.37
CA ILE A 153 -12.34 5.07 -3.25
C ILE A 153 -13.79 4.83 -3.65
N TYR A 154 -14.37 5.79 -4.37
CA TYR A 154 -15.75 5.67 -4.81
C TYR A 154 -15.91 4.47 -5.71
N SER A 155 -14.95 4.30 -6.61
CA SER A 155 -14.93 3.21 -7.56
C SER A 155 -14.85 1.84 -6.90
N ILE A 156 -14.00 1.71 -5.89
CA ILE A 156 -13.83 0.45 -5.19
C ILE A 156 -15.10 0.08 -4.41
N ARG A 157 -15.76 1.09 -3.88
CA ARG A 157 -16.99 0.92 -3.11
C ARG A 157 -18.10 0.42 -4.02
N GLN A 158 -18.17 0.98 -5.21
CA GLN A 158 -19.18 0.58 -6.17
C GLN A 158 -18.98 -0.89 -6.58
N ILE A 159 -17.72 -1.28 -6.74
CA ILE A 159 -17.39 -2.65 -7.12
C ILE A 159 -17.72 -3.66 -6.04
N LEU A 160 -17.49 -3.30 -4.79
CA LEU A 160 -17.77 -4.21 -3.69
C LEU A 160 -19.26 -4.46 -3.48
N GLN A 161 -20.14 -3.51 -3.82
CA GLN A 161 -21.56 -3.77 -3.61
C GLN A 161 -22.27 -4.35 -4.82
N THR A 162 -21.62 -4.33 -5.97
CA THR A 162 -22.22 -4.89 -7.17
C THR A 162 -21.65 -6.28 -7.46
N GLU A 163 -20.58 -6.64 -6.75
CA GLU A 163 -19.92 -7.93 -6.94
C GLU A 163 -20.11 -8.83 -5.72
N SER A 164 -21.09 -8.49 -4.90
CA SER A 164 -21.39 -9.25 -3.69
C SER A 164 -21.41 -10.75 -3.90
N LYS A 165 -22.00 -11.19 -5.01
CA LYS A 165 -22.09 -12.62 -5.30
C LYS A 165 -20.71 -13.26 -5.39
N ASP A 166 -19.85 -12.67 -6.22
CA ASP A 166 -18.50 -13.19 -6.39
C ASP A 166 -17.72 -13.23 -5.07
N ARG A 167 -17.65 -12.10 -4.37
CA ARG A 167 -16.90 -12.06 -3.11
C ARG A 167 -17.35 -13.07 -2.05
N ARG A 168 -18.66 -13.24 -1.88
CA ARG A 168 -19.15 -14.17 -0.87
C ARG A 168 -18.66 -15.59 -1.21
N LYS A 169 -18.58 -15.90 -2.50
CA LYS A 169 -18.11 -17.20 -2.96
C LYS A 169 -16.60 -17.28 -2.79
N PHE A 170 -15.92 -16.17 -3.08
CA PHE A 170 -14.48 -16.05 -2.95
C PHE A 170 -14.09 -16.28 -1.49
N LEU A 171 -14.82 -15.66 -0.56
CA LEU A 171 -14.50 -15.80 0.85
C LEU A 171 -14.74 -17.21 1.39
N ARG A 172 -15.64 -17.97 0.77
CA ARG A 172 -15.87 -19.32 1.24
C ARG A 172 -14.71 -20.21 0.79
N GLN A 173 -14.23 -19.99 -0.42
CA GLN A 173 -13.12 -20.77 -0.94
C GLN A 173 -11.86 -20.52 -0.12
N VAL A 174 -11.58 -19.26 0.17
CA VAL A 174 -10.40 -18.92 0.96
C VAL A 174 -10.51 -19.56 2.36
N GLY A 175 -11.68 -19.43 2.98
CA GLY A 175 -11.89 -19.99 4.29
C GLY A 175 -11.66 -21.50 4.35
N ARG A 176 -12.30 -22.22 3.43
CA ARG A 176 -12.17 -23.68 3.38
C ARG A 176 -10.72 -24.06 3.11
N ASN A 177 -9.98 -23.11 2.54
CA ASN A 177 -8.59 -23.34 2.20
C ASN A 177 -7.69 -23.14 3.41
N ILE A 178 -7.86 -22.01 4.08
CA ILE A 178 -7.07 -21.71 5.27
C ILE A 178 -7.19 -22.83 6.29
N TYR A 179 -8.39 -23.37 6.45
CA TYR A 179 -8.59 -24.44 7.42
C TYR A 179 -8.70 -25.81 6.76
N ARG A 180 -7.89 -26.04 5.73
CA ARG A 180 -7.90 -27.33 5.07
C ARG A 180 -7.40 -28.39 6.04
N LYS A 181 -6.77 -27.93 7.12
CA LYS A 181 -6.28 -28.83 8.17
C LYS A 181 -6.02 -27.99 9.43
N PRO A 182 -6.00 -28.65 10.61
CA PRO A 182 -5.78 -27.94 11.87
C PRO A 182 -4.38 -27.34 11.97
N GLU A 183 -4.13 -26.55 13.01
CA GLU A 183 -2.84 -25.93 13.20
C GLU A 183 -1.73 -26.93 12.99
N TYR A 184 -0.84 -26.62 12.06
CA TYR A 184 0.25 -27.48 11.68
C TYR A 184 1.62 -26.92 11.98
N LYS A 185 2.52 -27.78 12.45
CA LYS A 185 3.88 -27.37 12.73
C LYS A 185 4.71 -27.70 11.48
N SER A 186 5.23 -26.66 10.84
CA SER A 186 6.03 -26.81 9.63
C SER A 186 7.20 -27.76 9.81
N ARG A 187 7.51 -28.53 8.77
CA ARG A 187 8.62 -29.46 8.82
C ARG A 187 9.88 -28.73 8.33
N TRP A 188 9.70 -27.82 7.37
CA TRP A 188 10.79 -27.01 6.83
C TRP A 188 10.25 -25.69 6.29
N ILE A 189 11.15 -24.72 6.16
CA ILE A 189 10.80 -23.37 5.70
C ILE A 189 11.94 -22.86 4.82
N ARG A 190 11.60 -22.25 3.69
CA ARG A 190 12.59 -21.69 2.78
C ARG A 190 12.06 -20.42 2.13
N ILE A 191 12.96 -19.49 1.80
CA ILE A 191 12.55 -18.28 1.11
C ILE A 191 13.35 -18.15 -0.19
N THR A 192 12.64 -17.87 -1.28
CA THR A 192 13.24 -17.73 -2.59
C THR A 192 13.01 -16.34 -3.15
N GLY A 193 14.08 -15.70 -3.62
CA GLY A 193 13.93 -14.38 -4.20
C GLY A 193 13.59 -14.49 -5.69
N LEU A 194 12.40 -14.07 -6.07
CA LEU A 194 12.01 -14.14 -7.48
C LEU A 194 12.32 -12.80 -8.11
N GLY A 195 12.62 -11.82 -7.25
CA GLY A 195 12.94 -10.49 -7.72
C GLY A 195 13.17 -9.59 -6.53
N GLY A 196 14.07 -8.62 -6.67
CA GLY A 196 14.34 -7.71 -5.58
C GLY A 196 15.52 -8.09 -4.72
N PHE A 197 16.30 -9.09 -5.14
CA PHE A 197 17.48 -9.48 -4.40
C PHE A 197 18.67 -8.88 -5.18
N ARG A 198 19.51 -8.13 -4.46
CA ARG A 198 20.68 -7.45 -5.03
C ARG A 198 20.31 -6.51 -6.16
N GLU A 199 19.18 -5.86 -6.02
CA GLU A 199 18.71 -4.93 -7.02
C GLU A 199 17.51 -4.24 -6.43
N VAL A 200 17.14 -3.12 -7.03
CA VAL A 200 15.96 -2.37 -6.62
C VAL A 200 14.98 -2.56 -7.78
N GLY A 201 13.82 -3.14 -7.49
CA GLY A 201 12.84 -3.35 -8.55
C GLY A 201 12.25 -4.75 -8.49
N ARG A 202 11.01 -4.89 -8.94
CA ARG A 202 10.31 -6.17 -8.98
C ARG A 202 10.45 -7.05 -7.75
N SER A 203 10.25 -6.47 -6.56
CA SER A 203 10.33 -7.26 -5.34
C SER A 203 9.33 -8.41 -5.36
N ALA A 204 9.81 -9.62 -5.14
CA ALA A 204 8.95 -10.81 -5.11
C ALA A 204 9.68 -11.88 -4.34
N LEU A 205 9.11 -12.31 -3.22
CA LEU A 205 9.74 -13.31 -2.38
C LEU A 205 8.75 -14.43 -2.09
N LEU A 206 9.18 -15.65 -2.39
CA LEU A 206 8.35 -16.83 -2.18
C LEU A 206 8.67 -17.56 -0.87
N VAL A 207 7.72 -17.57 0.05
CA VAL A 207 7.89 -18.25 1.32
C VAL A 207 7.33 -19.65 1.14
N GLN A 208 8.12 -20.66 1.51
CA GLN A 208 7.70 -22.04 1.35
C GLN A 208 7.85 -22.85 2.63
N THR A 209 6.88 -23.75 2.85
CA THR A 209 6.90 -24.68 3.98
C THR A 209 6.41 -25.95 3.31
N ASP A 210 6.44 -27.07 4.01
CA ASP A 210 6.00 -28.32 3.41
C ASP A 210 4.48 -28.37 3.31
N GLU A 211 3.82 -27.32 3.76
CA GLU A 211 2.35 -27.28 3.74
C GLU A 211 1.78 -26.08 3.00
N SER A 212 2.53 -24.97 2.99
CA SER A 212 2.05 -23.74 2.39
C SER A 212 3.01 -23.01 1.46
N PHE A 213 2.47 -21.97 0.82
CA PHE A 213 3.23 -21.12 -0.09
C PHE A 213 2.58 -19.75 -0.06
N VAL A 214 3.35 -18.73 0.30
CA VAL A 214 2.83 -17.36 0.30
C VAL A 214 3.84 -16.47 -0.38
N LEU A 215 3.32 -15.56 -1.18
CA LEU A 215 4.15 -14.64 -1.92
C LEU A 215 4.11 -13.25 -1.25
N VAL A 216 5.28 -12.71 -0.93
CA VAL A 216 5.34 -11.39 -0.30
C VAL A 216 5.83 -10.41 -1.34
N ASP A 217 4.90 -9.57 -1.80
CA ASP A 217 5.15 -8.57 -2.84
C ASP A 217 5.26 -9.23 -4.20
N PHE A 218 5.01 -8.45 -5.25
CA PHE A 218 5.07 -8.94 -6.61
C PHE A 218 5.15 -7.71 -7.52
N GLY A 219 6.31 -7.08 -7.53
CA GLY A 219 6.44 -5.87 -8.32
C GLY A 219 6.99 -6.01 -9.71
N VAL A 220 7.19 -4.86 -10.34
CA VAL A 220 7.73 -4.83 -11.68
C VAL A 220 8.87 -3.83 -11.55
N ASN A 221 9.76 -3.77 -12.53
CA ASN A 221 10.85 -2.80 -12.49
C ASN A 221 10.59 -1.87 -13.67
N VAL A 222 9.84 -0.80 -13.45
CA VAL A 222 9.51 0.13 -14.52
C VAL A 222 10.74 0.72 -15.18
N ALA A 223 11.87 0.74 -14.47
CA ALA A 223 13.09 1.29 -15.03
C ALA A 223 13.64 0.38 -16.12
N MET A 224 13.13 -0.84 -16.17
CA MET A 224 13.60 -1.81 -17.13
C MET A 224 12.47 -2.42 -17.96
N LEU A 225 11.38 -1.69 -18.14
CA LEU A 225 10.23 -2.19 -18.90
C LEU A 225 10.50 -2.75 -20.30
N ASN A 226 11.54 -2.27 -20.98
CA ASN A 226 11.83 -2.77 -22.32
C ASN A 226 12.44 -4.17 -22.31
N ASP A 227 12.85 -4.64 -21.13
CA ASP A 227 13.47 -5.95 -21.02
C ASP A 227 12.67 -6.84 -20.06
N PRO A 228 11.76 -7.67 -20.61
CA PRO A 228 10.94 -8.56 -19.80
C PRO A 228 11.72 -9.47 -18.84
N TYR A 229 12.97 -9.76 -19.17
CA TYR A 229 13.80 -10.62 -18.32
C TYR A 229 14.30 -9.86 -17.08
N LYS A 230 14.32 -8.53 -17.16
CA LYS A 230 14.77 -7.70 -16.04
C LYS A 230 13.61 -6.95 -15.37
N ALA A 231 12.50 -6.80 -16.09
CA ALA A 231 11.35 -6.08 -15.57
C ALA A 231 10.41 -6.89 -14.68
N PHE A 232 10.34 -8.19 -14.93
CA PHE A 232 9.45 -9.05 -14.15
C PHE A 232 10.11 -10.04 -13.20
N PRO A 233 9.36 -10.48 -12.18
CA PRO A 233 9.93 -11.45 -11.25
C PRO A 233 10.13 -12.71 -12.11
N HIS A 234 10.97 -13.62 -11.65
CA HIS A 234 11.26 -14.84 -12.39
C HIS A 234 10.15 -15.87 -12.48
N PHE A 235 9.33 -15.76 -13.53
CA PHE A 235 8.22 -16.72 -13.75
C PHE A 235 8.85 -18.04 -14.17
N ASP A 236 10.12 -17.97 -14.58
CA ASP A 236 10.82 -19.15 -15.04
C ASP A 236 11.46 -19.96 -13.92
N ALA A 237 11.17 -19.59 -12.67
CA ALA A 237 11.69 -20.33 -11.52
C ALA A 237 10.82 -21.59 -11.45
N PRO A 238 11.46 -22.78 -11.51
CA PRO A 238 10.74 -24.06 -11.46
C PRO A 238 9.73 -24.15 -10.32
N GLU A 239 10.19 -23.84 -9.10
CA GLU A 239 9.33 -23.90 -7.92
C GLU A 239 8.12 -22.97 -8.06
N PHE A 240 8.32 -21.82 -8.69
CA PHE A 240 7.23 -20.87 -8.85
C PHE A 240 6.24 -21.35 -9.90
N GLN A 241 6.73 -21.91 -11.01
CA GLN A 241 5.85 -22.45 -12.05
C GLN A 241 5.02 -23.58 -11.43
N TYR A 242 5.62 -24.32 -10.51
CA TYR A 242 4.93 -25.42 -9.87
C TYR A 242 3.83 -24.91 -8.95
N VAL A 243 4.13 -23.85 -8.20
CA VAL A 243 3.15 -23.28 -7.29
C VAL A 243 1.94 -22.71 -8.03
N LEU A 244 2.19 -22.02 -9.13
CA LEU A 244 1.11 -21.46 -9.91
C LEU A 244 0.28 -22.54 -10.62
N ARG A 245 0.94 -23.37 -11.44
CA ARG A 245 0.27 -24.43 -12.19
C ARG A 245 -0.51 -25.45 -11.35
N GLU A 246 -0.06 -25.70 -10.13
CA GLU A 246 -0.76 -26.66 -9.28
C GLU A 246 -1.79 -25.98 -8.37
N GLY A 247 -1.89 -24.66 -8.46
CA GLY A 247 -2.82 -23.92 -7.62
C GLY A 247 -2.47 -24.01 -6.14
N LEU A 248 -1.19 -23.89 -5.81
CA LEU A 248 -0.75 -23.98 -4.41
C LEU A 248 -0.41 -22.63 -3.75
N LEU A 249 -0.57 -21.54 -4.48
CA LEU A 249 -0.26 -20.27 -3.85
C LEU A 249 -1.41 -19.92 -2.90
N ASP A 250 -1.12 -19.97 -1.59
CA ASP A 250 -2.13 -19.67 -0.56
C ASP A 250 -2.44 -18.20 -0.46
N ALA A 251 -1.42 -17.37 -0.62
CA ALA A 251 -1.65 -15.96 -0.50
C ALA A 251 -0.55 -15.08 -1.06
N ILE A 252 -0.89 -13.81 -1.21
CA ILE A 252 0.03 -12.79 -1.66
C ILE A 252 -0.14 -11.67 -0.63
N ILE A 253 0.98 -11.14 -0.15
CA ILE A 253 0.95 -10.06 0.83
C ILE A 253 1.70 -8.88 0.25
N ILE A 254 1.07 -7.72 0.25
CA ILE A 254 1.70 -6.54 -0.31
C ILE A 254 2.14 -5.57 0.77
N THR A 255 3.43 -5.32 0.87
CA THR A 255 3.96 -4.41 1.89
C THR A 255 3.47 -2.97 1.72
N HIS A 256 3.47 -2.48 0.48
CA HIS A 256 2.97 -1.14 0.19
C HIS A 256 2.61 -0.92 -1.28
N ALA A 257 1.92 0.19 -1.53
CA ALA A 257 1.42 0.51 -2.85
C ALA A 257 2.35 0.75 -4.04
N HIS A 258 3.64 0.98 -3.83
CA HIS A 258 4.52 1.24 -4.99
C HIS A 258 4.58 0.12 -6.06
N LEU A 259 4.73 0.53 -7.32
CA LEU A 259 4.75 -0.42 -8.43
C LEU A 259 5.84 -1.49 -8.40
N ASP A 260 6.97 -1.21 -7.78
CA ASP A 260 7.99 -2.25 -7.74
C ASP A 260 7.78 -3.20 -6.57
N HIS A 261 6.58 -3.16 -6.00
CA HIS A 261 6.22 -4.06 -4.91
C HIS A 261 4.87 -4.70 -5.16
N CYS A 262 4.07 -4.07 -6.02
CA CYS A 262 2.73 -4.58 -6.32
C CYS A 262 2.35 -4.49 -7.81
N GLY A 263 3.24 -3.90 -8.61
CA GLY A 263 2.98 -3.72 -10.03
C GLY A 263 2.68 -4.90 -10.94
N MET A 264 3.15 -6.10 -10.59
CA MET A 264 2.86 -7.25 -11.45
C MET A 264 1.64 -8.02 -10.97
N LEU A 265 1.10 -7.61 -9.83
CA LEU A 265 -0.04 -8.31 -9.27
C LEU A 265 -1.19 -8.52 -10.25
N PRO A 266 -1.63 -7.45 -10.94
CA PRO A 266 -2.75 -7.71 -11.86
C PRO A 266 -2.43 -8.52 -13.13
N TYR A 267 -1.14 -8.75 -13.39
CA TYR A 267 -0.71 -9.54 -14.53
C TYR A 267 -1.11 -10.99 -14.23
N LEU A 268 -1.06 -11.32 -12.95
CA LEU A 268 -1.41 -12.64 -12.50
C LEU A 268 -2.85 -12.99 -12.81
N PHE A 269 -3.72 -11.99 -12.85
CA PHE A 269 -5.13 -12.21 -13.14
C PHE A 269 -5.39 -12.20 -14.64
N ARG A 270 -4.66 -11.34 -15.35
CA ARG A 270 -4.79 -11.26 -16.78
C ARG A 270 -4.63 -12.66 -17.35
N TYR A 271 -3.66 -13.42 -16.83
CA TYR A 271 -3.39 -14.76 -17.32
C TYR A 271 -3.97 -15.88 -16.49
N ASN A 272 -4.89 -15.55 -15.59
CA ASN A 272 -5.52 -16.54 -14.72
C ASN A 272 -4.52 -17.49 -14.07
N LEU A 273 -3.45 -16.94 -13.50
CA LEU A 273 -2.42 -17.74 -12.84
C LEU A 273 -2.67 -17.84 -11.35
N PHE A 274 -3.62 -17.05 -10.85
CA PHE A 274 -3.91 -17.03 -9.42
C PHE A 274 -5.29 -16.43 -9.17
N ASP A 275 -6.01 -17.01 -8.22
CA ASP A 275 -7.32 -16.48 -7.84
C ASP A 275 -7.53 -16.73 -6.35
N GLY A 276 -6.45 -16.52 -5.60
CA GLY A 276 -6.49 -16.69 -4.16
C GLY A 276 -6.57 -15.29 -3.56
N PRO A 277 -6.34 -15.14 -2.25
CA PRO A 277 -6.39 -13.84 -1.56
C PRO A 277 -5.11 -13.00 -1.56
N ILE A 278 -5.31 -11.69 -1.54
CA ILE A 278 -4.22 -10.71 -1.47
C ILE A 278 -4.42 -9.95 -0.16
N TYR A 279 -3.52 -10.12 0.80
CA TYR A 279 -3.65 -9.42 2.09
C TYR A 279 -2.85 -8.12 2.13
N THR A 280 -3.47 -7.05 2.63
CA THR A 280 -2.79 -5.76 2.68
C THR A 280 -3.63 -4.73 3.49
N THR A 281 -3.04 -3.56 3.80
CA THR A 281 -3.80 -2.55 4.56
C THR A 281 -4.74 -1.81 3.61
N PRO A 282 -5.87 -1.32 4.13
CA PRO A 282 -6.82 -0.61 3.26
C PRO A 282 -6.18 0.50 2.42
N PRO A 283 -5.40 1.39 3.04
CA PRO A 283 -4.77 2.46 2.25
C PRO A 283 -3.95 1.86 1.09
N THR A 284 -3.29 0.73 1.32
CA THR A 284 -2.48 0.11 0.29
C THR A 284 -3.35 -0.42 -0.86
N ARG A 285 -4.47 -1.02 -0.52
CA ARG A 285 -5.41 -1.55 -1.51
C ARG A 285 -5.84 -0.43 -2.48
N ASP A 286 -6.18 0.73 -1.92
CA ASP A 286 -6.62 1.86 -2.73
C ASP A 286 -5.49 2.54 -3.52
N LEU A 287 -4.36 2.77 -2.86
CA LEU A 287 -3.23 3.40 -3.54
C LEU A 287 -2.68 2.53 -4.67
N MET A 288 -2.68 1.23 -4.42
CA MET A 288 -2.22 0.19 -5.35
C MET A 288 -3.07 0.25 -6.63
N VAL A 289 -4.38 0.22 -6.44
CA VAL A 289 -5.34 0.30 -7.50
C VAL A 289 -5.11 1.56 -8.34
N LEU A 290 -4.85 2.67 -7.65
CA LEU A 290 -4.59 3.94 -8.32
C LEU A 290 -3.28 3.93 -9.11
N LEU A 291 -2.19 3.44 -8.51
CA LEU A 291 -0.91 3.43 -9.23
C LEU A 291 -0.92 2.46 -10.41
N GLN A 292 -1.69 1.38 -10.29
CA GLN A 292 -1.80 0.39 -11.35
C GLN A 292 -2.56 0.97 -12.54
N LYS A 293 -3.64 1.71 -12.26
CA LYS A 293 -4.44 2.34 -13.32
C LYS A 293 -3.55 3.36 -13.98
N ASP A 294 -2.86 4.12 -13.14
CA ASP A 294 -1.96 5.17 -13.58
C ASP A 294 -0.94 4.57 -14.56
N PHE A 295 -0.36 3.46 -14.14
CA PHE A 295 0.65 2.75 -14.92
C PHE A 295 0.23 2.36 -16.33
N ILE A 296 -0.87 1.63 -16.47
CA ILE A 296 -1.32 1.21 -17.78
C ILE A 296 -1.80 2.37 -18.64
N GLU A 297 -2.12 3.50 -18.03
CA GLU A 297 -2.55 4.66 -18.80
C GLU A 297 -1.34 5.40 -19.33
N ILE A 298 -0.27 5.44 -18.53
CA ILE A 298 0.96 6.08 -18.96
C ILE A 298 1.47 5.32 -20.19
N GLN A 299 1.38 3.99 -20.14
CA GLN A 299 1.82 3.14 -21.24
C GLN A 299 1.05 3.42 -22.53
N GLN A 300 -0.27 3.52 -22.43
CA GLN A 300 -1.10 3.78 -23.60
C GLN A 300 -0.91 5.19 -24.14
N SER A 301 -0.73 6.16 -23.25
CA SER A 301 -0.51 7.53 -23.70
C SER A 301 0.80 7.58 -24.48
N ASN A 302 1.62 6.55 -24.32
CA ASN A 302 2.90 6.47 -25.01
C ASN A 302 2.82 5.55 -26.23
N GLY A 303 1.62 5.10 -26.55
CA GLY A 303 1.46 4.24 -27.70
C GLY A 303 1.97 2.82 -27.52
N GLN A 304 2.15 2.40 -26.26
CA GLN A 304 2.61 1.04 -25.97
C GLN A 304 1.45 0.17 -25.52
N ASP A 305 1.57 -1.13 -25.74
CA ASP A 305 0.52 -2.06 -25.33
C ASP A 305 0.68 -2.28 -23.81
N PRO A 306 -0.34 -1.93 -23.02
CA PRO A 306 -0.29 -2.08 -21.57
C PRO A 306 -0.12 -3.53 -21.06
N LEU A 307 0.55 -3.69 -19.91
CA LEU A 307 0.78 -5.00 -19.31
C LEU A 307 -0.52 -5.68 -18.92
N TYR A 308 -1.49 -4.88 -18.51
CA TYR A 308 -2.79 -5.41 -18.16
C TYR A 308 -3.85 -4.35 -18.35
N ARG A 309 -5.10 -4.71 -18.08
CA ARG A 309 -6.23 -3.82 -18.27
C ARG A 309 -7.06 -3.62 -17.01
N PRO A 310 -7.90 -2.57 -17.00
CA PRO A 310 -8.76 -2.25 -15.86
C PRO A 310 -9.51 -3.49 -15.34
N ARG A 311 -9.86 -4.41 -16.23
CA ARG A 311 -10.58 -5.63 -15.82
C ARG A 311 -9.74 -6.48 -14.85
N ASP A 312 -8.42 -6.39 -14.97
CA ASP A 312 -7.53 -7.14 -14.11
C ASP A 312 -7.28 -6.42 -12.79
N ILE A 313 -7.20 -5.10 -12.84
CA ILE A 313 -7.00 -4.33 -11.62
C ILE A 313 -8.26 -4.56 -10.79
N LYS A 314 -9.39 -4.67 -11.48
CA LYS A 314 -10.67 -4.90 -10.83
C LYS A 314 -10.65 -6.25 -10.12
N GLU A 315 -10.08 -7.26 -10.77
CA GLU A 315 -10.02 -8.58 -10.16
C GLU A 315 -9.17 -8.52 -8.89
N VAL A 316 -8.13 -7.68 -8.92
CA VAL A 316 -7.27 -7.51 -7.76
C VAL A 316 -8.11 -7.07 -6.56
N ILE A 317 -8.92 -6.04 -6.78
CA ILE A 317 -9.80 -5.50 -5.74
C ILE A 317 -10.72 -6.60 -5.19
N LYS A 318 -11.29 -7.37 -6.09
CA LYS A 318 -12.21 -8.43 -5.68
C LYS A 318 -11.53 -9.54 -4.88
N HIS A 319 -10.22 -9.70 -5.08
CA HIS A 319 -9.47 -10.74 -4.35
C HIS A 319 -8.69 -10.24 -3.13
N THR A 320 -8.86 -8.97 -2.77
CA THR A 320 -8.16 -8.39 -1.64
C THR A 320 -8.92 -8.39 -0.32
N ILE A 321 -8.26 -8.89 0.73
CA ILE A 321 -8.80 -8.95 2.09
C ILE A 321 -7.89 -8.01 2.88
N THR A 322 -8.43 -6.93 3.43
CA THR A 322 -7.61 -5.96 4.15
C THR A 322 -7.49 -6.24 5.65
N LEU A 323 -6.35 -5.84 6.22
CA LEU A 323 -6.07 -5.99 7.64
C LEU A 323 -5.43 -4.68 8.07
N ASP A 324 -5.74 -4.23 9.27
CA ASP A 324 -5.12 -3.01 9.79
C ASP A 324 -3.90 -3.48 10.56
N TYR A 325 -3.02 -2.57 10.95
CA TYR A 325 -1.84 -2.99 11.69
C TYR A 325 -2.30 -3.72 12.94
N GLY A 326 -1.49 -4.64 13.45
CA GLY A 326 -1.83 -5.34 14.68
C GLY A 326 -2.85 -6.47 14.60
N GLU A 327 -3.57 -6.57 13.49
CA GLU A 327 -4.55 -7.64 13.34
C GLU A 327 -3.87 -8.95 12.95
N VAL A 328 -3.90 -9.93 13.84
CA VAL A 328 -3.30 -11.23 13.58
C VAL A 328 -4.35 -12.10 12.89
N ARG A 329 -3.99 -12.71 11.76
CA ARG A 329 -4.93 -13.56 11.02
C ARG A 329 -4.24 -14.81 10.49
N ASP A 330 -4.97 -15.92 10.49
CA ASP A 330 -4.44 -17.18 9.95
C ASP A 330 -4.61 -17.11 8.43
N ILE A 331 -3.53 -17.31 7.68
CA ILE A 331 -3.68 -17.29 6.23
C ILE A 331 -3.42 -18.66 5.60
N SER A 332 -3.25 -19.66 6.45
CA SER A 332 -3.04 -21.06 6.05
C SER A 332 -2.82 -21.89 7.33
N PRO A 333 -2.81 -23.23 7.22
CA PRO A 333 -2.61 -24.10 8.38
C PRO A 333 -1.39 -23.83 9.27
N ASP A 334 -0.30 -23.34 8.69
CA ASP A 334 0.89 -23.10 9.48
C ASP A 334 1.47 -21.71 9.39
N ILE A 335 0.66 -20.74 8.96
CA ILE A 335 1.15 -19.36 8.87
C ILE A 335 0.12 -18.32 9.32
N ARG A 336 0.49 -17.50 10.30
CA ARG A 336 -0.39 -16.44 10.77
C ARG A 336 0.28 -15.10 10.45
N LEU A 337 -0.48 -14.18 9.87
CA LEU A 337 0.03 -12.88 9.47
C LEU A 337 -0.32 -11.70 10.40
N THR A 338 0.57 -10.71 10.43
CA THR A 338 0.39 -9.48 11.23
C THR A 338 1.16 -8.38 10.52
N LEU A 339 0.49 -7.27 10.26
CA LEU A 339 1.13 -6.16 9.59
C LEU A 339 1.51 -5.07 10.60
N HIS A 340 2.64 -4.41 10.36
CA HIS A 340 3.06 -3.36 11.27
C HIS A 340 3.49 -2.16 10.45
N ASN A 341 3.38 -0.98 11.04
CA ASN A 341 3.77 0.23 10.36
C ASN A 341 5.23 0.21 9.90
N ALA A 342 5.48 0.63 8.66
CA ALA A 342 6.82 0.69 8.10
C ALA A 342 7.29 2.13 7.97
N GLY A 343 6.34 3.06 8.14
CA GLY A 343 6.65 4.48 8.06
C GLY A 343 7.26 4.94 6.74
N HIS A 344 6.89 4.28 5.66
CA HIS A 344 7.41 4.59 4.33
C HIS A 344 6.48 5.51 3.54
N ILE A 345 5.23 5.10 3.41
CA ILE A 345 4.20 5.90 2.74
C ILE A 345 2.89 5.44 3.36
N LEU A 346 1.81 6.19 3.12
CA LEU A 346 0.52 5.84 3.67
C LEU A 346 0.24 4.35 3.54
N GLY A 347 -0.06 3.70 4.66
CA GLY A 347 -0.37 2.28 4.65
C GLY A 347 0.77 1.28 4.55
N SER A 348 2.00 1.75 4.37
CA SER A 348 3.13 0.82 4.24
C SER A 348 3.28 -0.07 5.46
N ALA A 349 3.47 -1.36 5.22
CA ALA A 349 3.61 -2.34 6.30
C ALA A 349 4.86 -3.22 6.26
N ILE A 350 5.21 -3.72 7.44
CA ILE A 350 6.31 -4.65 7.61
C ILE A 350 5.54 -5.94 7.80
N VAL A 351 5.85 -6.96 7.02
CA VAL A 351 5.12 -8.21 7.15
C VAL A 351 5.72 -9.15 8.17
N HIS A 352 4.91 -9.57 9.13
CA HIS A 352 5.40 -10.51 10.14
C HIS A 352 4.68 -11.84 10.00
N LEU A 353 5.44 -12.88 9.67
CA LEU A 353 4.87 -14.19 9.49
C LEU A 353 5.19 -15.09 10.68
N HIS A 354 4.15 -15.58 11.35
CA HIS A 354 4.33 -16.52 12.45
C HIS A 354 4.26 -17.85 11.72
N ILE A 355 5.35 -18.61 11.68
CA ILE A 355 5.33 -19.89 10.97
C ILE A 355 5.44 -21.15 11.82
N GLY A 356 4.50 -22.06 11.62
CA GLY A 356 4.48 -23.32 12.33
C GLY A 356 4.54 -23.26 13.85
N ASN A 357 5.68 -23.67 14.40
CA ASN A 357 5.89 -23.70 15.84
C ASN A 357 6.14 -22.32 16.45
N GLY A 358 6.63 -21.39 15.66
CA GLY A 358 6.89 -20.06 16.18
C GLY A 358 8.34 -19.82 16.50
N LEU A 359 9.15 -20.86 16.35
CA LEU A 359 10.57 -20.78 16.62
C LEU A 359 11.38 -20.32 15.42
N HIS A 360 10.72 -20.07 14.30
CA HIS A 360 11.41 -19.64 13.08
C HIS A 360 10.69 -18.51 12.34
N ASN A 361 10.14 -17.56 13.09
CA ASN A 361 9.41 -16.42 12.51
C ASN A 361 10.24 -15.50 11.63
N ILE A 362 9.57 -14.96 10.62
CA ILE A 362 10.20 -14.07 9.66
C ILE A 362 9.53 -12.70 9.61
N ALA A 363 10.34 -11.65 9.59
CA ALA A 363 9.81 -10.30 9.47
C ALA A 363 10.36 -9.74 8.16
N ILE A 364 9.45 -9.33 7.27
CA ILE A 364 9.84 -8.77 5.98
C ILE A 364 9.51 -7.29 6.00
N THR A 365 10.57 -6.51 5.98
CA THR A 365 10.53 -5.06 6.05
C THR A 365 9.85 -4.27 4.91
N GLY A 366 9.99 -4.72 3.66
CA GLY A 366 9.45 -3.95 2.56
C GLY A 366 10.28 -2.69 2.60
N ASP A 367 9.73 -1.54 2.25
CA ASP A 367 10.54 -0.33 2.37
C ASP A 367 10.11 0.27 3.70
N PHE A 368 11.05 0.86 4.42
CA PHE A 368 10.71 1.44 5.71
C PHE A 368 11.54 2.65 6.03
N LYS A 369 11.03 3.46 6.95
CA LYS A 369 11.70 4.67 7.37
C LYS A 369 11.75 4.60 8.90
N PHE A 370 12.92 4.85 9.48
CA PHE A 370 13.06 4.74 10.93
C PHE A 370 13.27 6.04 11.73
N ILE A 371 12.74 7.14 11.22
CA ILE A 371 12.75 8.43 11.91
C ILE A 371 11.41 9.05 11.54
N PRO A 372 10.95 10.05 12.31
CA PRO A 372 9.65 10.61 11.92
C PRO A 372 9.75 11.47 10.66
N THR A 373 8.61 11.63 9.98
CA THR A 373 8.54 12.47 8.78
C THR A 373 7.27 13.27 8.98
N ARG A 374 6.91 14.11 8.02
CA ARG A 374 5.70 14.91 8.17
C ARG A 374 4.46 14.02 8.27
N LEU A 375 4.33 13.04 7.38
CA LEU A 375 3.15 12.18 7.38
C LEU A 375 3.20 10.94 8.24
N LEU A 376 4.39 10.41 8.48
CA LEU A 376 4.47 9.16 9.22
C LEU A 376 5.42 9.10 10.41
N GLU A 377 5.23 8.06 11.20
CA GLU A 377 6.04 7.79 12.38
C GLU A 377 6.99 6.65 11.99
N PRO A 378 8.15 6.57 12.66
CA PRO A 378 9.14 5.53 12.37
C PRO A 378 8.58 4.12 12.43
N ALA A 379 9.17 3.23 11.64
CA ALA A 379 8.74 1.84 11.57
C ALA A 379 8.74 1.13 12.93
N ASN A 380 7.83 0.18 13.09
CA ASN A 380 7.73 -0.59 14.31
C ASN A 380 8.97 -1.47 14.41
N ALA A 381 9.56 -1.53 15.60
CA ALA A 381 10.76 -2.33 15.79
C ALA A 381 10.56 -3.36 16.90
N LYS A 382 9.32 -3.47 17.37
CA LYS A 382 8.99 -4.38 18.46
C LYS A 382 8.07 -5.50 17.96
N PHE A 383 8.56 -6.73 18.02
CA PHE A 383 7.78 -7.89 17.56
C PHE A 383 7.62 -8.93 18.67
N PRO A 384 6.70 -9.89 18.46
CA PRO A 384 6.54 -10.91 19.50
C PRO A 384 7.77 -11.83 19.50
N ARG A 385 7.85 -12.72 18.51
CA ARG A 385 8.95 -13.65 18.36
C ARG A 385 9.55 -13.43 16.98
N LEU A 386 10.87 -13.52 16.86
CA LEU A 386 11.49 -13.27 15.57
C LEU A 386 12.85 -13.90 15.34
N GLU A 387 12.94 -14.80 14.36
CA GLU A 387 14.20 -15.44 14.05
C GLU A 387 14.90 -14.77 12.86
N THR A 388 14.18 -14.59 11.75
CA THR A 388 14.77 -14.01 10.54
C THR A 388 14.23 -12.65 10.08
N LEU A 389 15.13 -11.70 9.88
CA LEU A 389 14.74 -10.38 9.42
C LEU A 389 15.20 -10.11 8.00
N VAL A 390 14.26 -9.87 7.09
CA VAL A 390 14.57 -9.55 5.70
C VAL A 390 14.36 -8.04 5.61
N MET A 391 15.42 -7.29 5.31
CA MET A 391 15.32 -5.84 5.24
C MET A 391 15.88 -5.22 3.94
N GLU A 392 15.42 -4.02 3.62
CA GLU A 392 15.85 -3.29 2.44
C GLU A 392 17.24 -2.67 2.60
N SER A 393 17.88 -2.36 1.48
CA SER A 393 19.22 -1.79 1.49
C SER A 393 19.35 -0.63 0.54
N THR A 394 18.23 0.00 0.19
CA THR A 394 18.29 1.11 -0.76
C THR A 394 19.45 2.05 -0.47
N TYR A 395 19.69 2.34 0.81
CA TYR A 395 20.80 3.22 1.20
C TYR A 395 21.81 2.48 2.07
N GLY A 396 22.14 1.26 1.65
CA GLY A 396 23.04 0.40 2.38
C GLY A 396 24.52 0.72 2.36
N GLY A 397 24.97 1.52 1.40
CA GLY A 397 26.39 1.88 1.35
C GLY A 397 26.78 2.64 2.61
N ALA A 398 28.01 2.43 3.08
CA ALA A 398 28.49 3.10 4.30
C ALA A 398 28.46 4.62 4.23
N ASN A 399 28.49 5.18 3.03
CA ASN A 399 28.46 6.62 2.88
C ASN A 399 27.11 7.13 2.42
N ASP A 400 26.10 6.28 2.47
CA ASP A 400 24.78 6.70 2.05
C ASP A 400 23.98 7.37 3.15
N ILE A 401 24.57 8.41 3.74
CA ILE A 401 23.91 9.17 4.77
C ILE A 401 23.11 10.25 4.07
N GLN A 402 21.83 10.36 4.42
CA GLN A 402 20.98 11.39 3.82
C GLN A 402 21.18 12.73 4.51
N MET A 403 20.85 13.78 3.76
CA MET A 403 20.93 15.16 4.23
C MET A 403 19.89 15.28 5.35
N PRO A 404 20.24 16.00 6.43
CA PRO A 404 19.29 16.15 7.56
C PRO A 404 17.96 16.78 7.10
N ARG A 405 16.85 16.24 7.59
CA ARG A 405 15.52 16.73 7.23
C ARG A 405 15.44 18.23 7.08
N GLU A 406 15.91 18.96 8.08
CA GLU A 406 15.83 20.41 8.04
C GLU A 406 16.82 21.14 7.13
N GLU A 407 17.94 20.50 6.81
CA GLU A 407 18.88 21.16 5.92
C GLU A 407 18.33 21.04 4.50
N ALA A 408 17.57 19.97 4.26
CA ALA A 408 16.98 19.72 2.96
C ALA A 408 15.90 20.76 2.70
N GLU A 409 15.10 21.03 3.74
CA GLU A 409 14.03 21.99 3.65
C GLU A 409 14.64 23.36 3.35
N LYS A 410 15.74 23.67 4.00
CA LYS A 410 16.37 24.96 3.76
C LYS A 410 16.92 25.02 2.35
N ARG A 411 17.45 23.90 1.88
CA ARG A 411 18.00 23.84 0.53
C ARG A 411 16.88 23.99 -0.51
N LEU A 412 15.76 23.33 -0.27
CA LEU A 412 14.62 23.41 -1.18
C LEU A 412 14.16 24.86 -1.32
N ILE A 413 13.88 25.50 -0.20
CA ILE A 413 13.43 26.89 -0.19
C ILE A 413 14.47 27.74 -0.90
N GLU A 414 15.72 27.47 -0.59
CA GLU A 414 16.83 28.20 -1.20
C GLU A 414 16.71 28.16 -2.72
N VAL A 415 16.66 26.94 -3.27
CA VAL A 415 16.56 26.74 -4.72
C VAL A 415 15.31 27.36 -5.33
N ILE A 416 14.17 27.22 -4.68
CA ILE A 416 12.95 27.80 -5.21
C ILE A 416 13.08 29.32 -5.33
N HIS A 417 13.65 29.96 -4.30
CA HIS A 417 13.83 31.41 -4.34
C HIS A 417 14.71 31.85 -5.50
N ASN A 418 15.86 31.20 -5.63
CA ASN A 418 16.79 31.53 -6.70
C ASN A 418 16.15 31.38 -8.07
N THR A 419 15.46 30.26 -8.29
CA THR A 419 14.79 29.99 -9.56
C THR A 419 13.62 30.95 -9.84
N ILE A 420 12.77 31.14 -8.83
CA ILE A 420 11.62 32.04 -8.96
C ILE A 420 12.05 33.48 -9.25
N LYS A 421 13.21 33.86 -8.75
CA LYS A 421 13.71 35.22 -8.97
C LYS A 421 14.29 35.32 -10.37
N ARG A 422 15.11 34.35 -10.72
CA ARG A 422 15.77 34.26 -12.01
C ARG A 422 14.76 34.19 -13.16
N GLY A 423 13.48 34.22 -12.81
CA GLY A 423 12.43 34.17 -13.81
C GLY A 423 12.33 32.81 -14.45
N GLY A 424 12.11 31.78 -13.64
CA GLY A 424 12.02 30.42 -14.13
C GLY A 424 11.01 29.58 -13.37
N LYS A 425 11.06 28.27 -13.58
CA LYS A 425 10.14 27.36 -12.90
C LYS A 425 10.85 26.19 -12.24
N VAL A 426 10.21 25.65 -11.20
CA VAL A 426 10.78 24.54 -10.47
C VAL A 426 10.00 23.26 -10.76
N LEU A 427 10.71 22.28 -11.28
CA LEU A 427 10.12 20.99 -11.59
C LEU A 427 10.59 19.98 -10.55
N ILE A 428 9.64 19.40 -9.83
CA ILE A 428 9.95 18.42 -8.81
C ILE A 428 9.27 17.12 -9.17
N PRO A 429 10.00 16.20 -9.80
CA PRO A 429 9.38 14.93 -10.16
C PRO A 429 9.23 14.10 -8.88
N ALA A 430 8.09 13.43 -8.73
CA ALA A 430 7.82 12.62 -7.54
C ALA A 430 6.68 11.67 -7.84
N MET A 431 6.70 10.48 -7.23
CA MET A 431 5.64 9.51 -7.47
C MET A 431 4.32 10.03 -6.91
N ALA A 432 3.22 9.67 -7.58
CA ALA A 432 1.90 10.09 -7.16
C ALA A 432 1.72 9.96 -5.66
N VAL A 433 2.20 8.84 -5.10
CA VAL A 433 2.13 8.57 -3.67
C VAL A 433 3.54 8.50 -3.11
N GLY A 434 3.79 9.19 -1.99
CA GLY A 434 5.13 9.16 -1.42
C GLY A 434 5.73 10.52 -1.20
N ARG A 435 6.79 10.84 -1.95
CA ARG A 435 7.45 12.13 -1.81
C ARG A 435 6.52 13.30 -2.13
N ALA A 436 5.54 13.09 -3.02
CA ALA A 436 4.61 14.15 -3.39
C ALA A 436 3.95 14.78 -2.16
N GLN A 437 3.28 13.94 -1.38
CA GLN A 437 2.62 14.41 -0.17
C GLN A 437 3.61 15.01 0.83
N GLU A 438 4.75 14.35 1.01
CA GLU A 438 5.77 14.81 1.94
C GLU A 438 6.24 16.20 1.58
N VAL A 439 6.60 16.40 0.31
CA VAL A 439 7.04 17.71 -0.15
C VAL A 439 5.91 18.73 0.00
N MET A 440 4.69 18.30 -0.28
CA MET A 440 3.55 19.21 -0.15
C MET A 440 3.46 19.76 1.28
N MET A 441 3.68 18.90 2.27
CA MET A 441 3.64 19.32 3.66
C MET A 441 4.76 20.33 3.94
N VAL A 442 5.93 20.08 3.39
CA VAL A 442 7.04 20.99 3.59
C VAL A 442 6.72 22.37 3.02
N LEU A 443 6.11 22.41 1.84
CA LEU A 443 5.80 23.71 1.23
C LEU A 443 4.58 24.35 1.90
N GLU A 444 3.67 23.53 2.41
CA GLU A 444 2.47 24.05 3.06
C GLU A 444 2.79 24.73 4.40
N GLU A 445 3.60 24.09 5.25
CA GLU A 445 3.98 24.69 6.53
C GLU A 445 4.79 25.95 6.25
N TYR A 446 5.48 25.94 5.11
CA TYR A 446 6.30 27.07 4.72
C TYR A 446 5.36 28.17 4.22
N ALA A 447 4.23 27.78 3.66
CA ALA A 447 3.26 28.75 3.17
C ALA A 447 2.64 29.51 4.35
N ARG A 448 2.25 28.76 5.38
CA ARG A 448 1.64 29.32 6.58
C ARG A 448 2.44 30.41 7.29
N ILE A 449 3.73 30.55 6.98
CA ILE A 449 4.51 31.61 7.60
C ILE A 449 4.78 32.68 6.53
N GLY A 450 4.11 32.52 5.38
CA GLY A 450 4.22 33.46 4.28
C GLY A 450 5.33 33.27 3.26
N GLY A 451 5.75 32.03 3.04
CA GLY A 451 6.84 31.79 2.11
C GLY A 451 6.49 31.43 0.67
N ILE A 452 5.23 31.07 0.42
CA ILE A 452 4.83 30.68 -0.92
C ILE A 452 4.18 31.83 -1.70
N GLU A 453 4.96 32.40 -2.63
CA GLU A 453 4.48 33.50 -3.46
C GLU A 453 3.85 33.01 -4.76
N VAL A 454 4.65 32.31 -5.57
CA VAL A 454 4.18 31.76 -6.86
C VAL A 454 3.29 30.54 -6.65
N PRO A 455 2.55 30.11 -7.69
CA PRO A 455 1.66 28.95 -7.54
C PRO A 455 2.37 27.58 -7.52
N ILE A 456 1.69 26.57 -7.00
CA ILE A 456 2.21 25.21 -6.93
C ILE A 456 1.25 24.26 -7.65
N TYR A 457 1.64 23.81 -8.83
CA TYR A 457 0.81 22.90 -9.62
C TYR A 457 1.06 21.44 -9.26
N LEU A 458 -0.02 20.65 -9.26
CA LEU A 458 0.04 19.23 -8.96
C LEU A 458 -0.42 18.45 -10.17
N ASP A 459 0.49 17.71 -10.79
CA ASP A 459 0.13 16.94 -11.98
C ASP A 459 0.49 15.45 -11.85
N GLY A 460 -0.34 14.59 -12.43
CA GLY A 460 -0.06 13.16 -12.41
C GLY A 460 -0.76 12.32 -11.39
N MET A 461 -2.00 12.65 -11.07
CA MET A 461 -2.77 11.88 -10.08
C MET A 461 -2.29 12.10 -8.64
N ILE A 462 -1.39 13.06 -8.46
CA ILE A 462 -0.89 13.38 -7.13
C ILE A 462 -2.05 13.84 -6.25
N TRP A 463 -2.98 14.60 -6.83
CA TRP A 463 -4.12 15.10 -6.09
C TRP A 463 -5.07 13.96 -5.69
N GLU A 464 -5.35 13.07 -6.62
CA GLU A 464 -6.21 11.94 -6.31
C GLU A 464 -5.58 11.09 -5.18
N ALA A 465 -4.27 10.90 -5.23
CA ALA A 465 -3.58 10.12 -4.19
C ALA A 465 -3.76 10.83 -2.86
N THR A 466 -3.60 12.15 -2.90
CA THR A 466 -3.73 13.01 -1.74
C THR A 466 -5.11 12.84 -1.11
N ALA A 467 -6.13 12.73 -1.95
CA ALA A 467 -7.48 12.56 -1.45
C ALA A 467 -7.53 11.29 -0.63
N ILE A 468 -6.85 10.24 -1.10
CA ILE A 468 -6.83 8.96 -0.39
C ILE A 468 -6.20 9.08 0.99
N HIS A 469 -5.24 9.98 1.15
CA HIS A 469 -4.61 10.20 2.45
C HIS A 469 -5.63 10.75 3.46
N THR A 470 -6.41 11.74 3.02
CA THR A 470 -7.38 12.37 3.90
C THR A 470 -8.51 11.43 4.33
N ALA A 471 -8.63 10.29 3.65
CA ALA A 471 -9.66 9.33 4.01
C ALA A 471 -9.13 8.30 4.99
N TYR A 472 -7.82 8.33 5.24
CA TYR A 472 -7.20 7.39 6.17
C TYR A 472 -6.36 8.09 7.23
N PRO A 473 -6.94 9.06 7.93
CA PRO A 473 -6.18 9.77 8.95
C PRO A 473 -5.54 8.85 9.99
N GLU A 474 -6.21 7.76 10.33
CA GLU A 474 -5.67 6.83 11.33
C GLU A 474 -4.34 6.20 10.88
N TYR A 475 -4.02 6.29 9.60
CA TYR A 475 -2.76 5.74 9.10
C TYR A 475 -1.68 6.79 8.98
N LEU A 476 -2.04 8.02 9.34
CA LEU A 476 -1.08 9.12 9.32
C LEU A 476 -0.57 9.29 10.74
N SER A 477 0.49 10.07 10.92
CA SER A 477 1.06 10.29 12.24
C SER A 477 0.01 10.95 13.13
N ARG A 478 0.12 10.71 14.43
CA ARG A 478 -0.78 11.28 15.44
C ARG A 478 -0.96 12.79 15.27
N ARG A 479 0.15 13.48 15.08
CA ARG A 479 0.12 14.93 14.88
C ARG A 479 -0.83 15.29 13.74
N LEU A 480 -0.56 14.78 12.55
CA LEU A 480 -1.39 15.06 11.38
C LEU A 480 -2.79 14.46 11.46
N ARG A 481 -2.95 13.39 12.23
CA ARG A 481 -4.26 12.74 12.36
C ARG A 481 -5.33 13.71 12.88
N GLU A 482 -5.05 14.31 14.03
CA GLU A 482 -5.97 15.27 14.67
C GLU A 482 -6.13 16.48 13.76
N GLN A 483 -5.00 17.05 13.37
CA GLN A 483 -4.97 18.21 12.49
C GLN A 483 -5.90 18.02 11.31
N ILE A 484 -6.19 16.77 10.96
CA ILE A 484 -7.08 16.47 9.84
C ILE A 484 -8.52 16.30 10.31
N PHE A 485 -8.98 15.04 10.34
CA PHE A 485 -10.35 14.68 10.70
C PHE A 485 -11.00 15.48 11.84
N LYS A 486 -10.27 15.74 12.92
CA LYS A 486 -10.85 16.47 14.03
C LYS A 486 -11.15 17.94 13.68
N GLU A 487 -10.11 18.70 13.31
CA GLU A 487 -10.29 20.11 12.95
C GLU A 487 -10.92 20.29 11.56
N GLY A 488 -11.50 21.47 11.35
CA GLY A 488 -12.12 21.78 10.07
C GLY A 488 -11.03 22.11 9.08
N TYR A 489 -9.92 22.65 9.61
CA TYR A 489 -8.76 23.00 8.81
C TYR A 489 -8.01 21.73 8.42
N ASN A 490 -7.47 21.71 7.20
CA ASN A 490 -6.76 20.56 6.68
C ASN A 490 -5.63 21.03 5.76
N PRO A 491 -4.38 20.63 6.04
CA PRO A 491 -3.19 21.00 5.26
C PRO A 491 -3.22 20.75 3.75
N PHE A 492 -3.65 19.56 3.34
CA PHE A 492 -3.69 19.23 1.92
C PHE A 492 -4.66 20.15 1.18
N LEU A 493 -5.73 20.56 1.85
CA LEU A 493 -6.73 21.45 1.25
C LEU A 493 -6.20 22.85 0.99
N SER A 494 -4.97 23.13 1.41
CA SER A 494 -4.41 24.45 1.21
C SER A 494 -4.74 24.99 -0.19
N GLU A 495 -4.98 26.29 -0.24
CA GLU A 495 -5.31 26.96 -1.49
C GLU A 495 -4.06 27.18 -2.33
N ILE A 496 -2.91 26.75 -1.83
CA ILE A 496 -1.66 26.94 -2.55
C ILE A 496 -1.44 25.88 -3.62
N PHE A 497 -2.12 24.74 -3.50
CA PHE A 497 -1.98 23.67 -4.47
C PHE A 497 -2.99 23.78 -5.59
N HIS A 498 -2.49 23.69 -6.83
CA HIS A 498 -3.33 23.82 -8.01
C HIS A 498 -3.25 22.58 -8.92
N PRO A 499 -4.23 21.68 -8.80
CA PRO A 499 -4.28 20.46 -9.62
C PRO A 499 -4.36 20.78 -11.12
N VAL A 500 -3.50 20.16 -11.93
CA VAL A 500 -3.51 20.40 -13.37
C VAL A 500 -4.66 19.58 -13.98
N ALA A 501 -5.67 20.28 -14.47
CA ALA A 501 -6.86 19.66 -15.05
C ALA A 501 -6.69 18.81 -16.30
N ASN A 502 -5.89 19.26 -17.25
CA ASN A 502 -5.70 18.49 -18.48
C ASN A 502 -4.46 18.90 -19.27
N SER A 503 -4.33 18.33 -20.48
CA SER A 503 -3.18 18.62 -21.34
C SER A 503 -3.08 20.06 -21.83
N ARG A 504 -4.22 20.73 -21.91
CA ARG A 504 -4.20 22.12 -22.37
C ARG A 504 -3.57 23.02 -21.32
N GLU A 505 -4.04 22.86 -20.07
CA GLU A 505 -3.53 23.63 -18.95
C GLU A 505 -2.05 23.28 -18.75
N ARG A 506 -1.72 22.00 -18.89
CA ARG A 506 -0.33 21.60 -18.71
C ARG A 506 0.54 22.39 -19.70
N GLN A 507 0.09 22.46 -20.95
CA GLN A 507 0.82 23.19 -21.97
C GLN A 507 0.83 24.68 -21.67
N ASP A 508 -0.30 25.21 -21.20
CA ASP A 508 -0.37 26.62 -20.85
C ASP A 508 0.70 26.92 -19.79
N ILE A 509 0.72 26.09 -18.74
CA ILE A 509 1.69 26.23 -17.65
C ILE A 509 3.11 26.38 -18.19
N ILE A 510 3.48 25.51 -19.11
CA ILE A 510 4.80 25.51 -19.70
C ILE A 510 5.11 26.74 -20.53
N ASP A 511 4.16 27.15 -21.36
CA ASP A 511 4.39 28.32 -22.22
C ASP A 511 4.38 29.63 -21.45
N SER A 512 3.52 29.70 -20.43
CA SER A 512 3.43 30.89 -19.60
C SER A 512 4.78 31.37 -19.09
N ASN A 513 4.86 32.65 -18.78
CA ASN A 513 6.10 33.24 -18.30
C ASN A 513 6.11 33.38 -16.78
N GLU A 514 4.97 33.04 -16.16
CA GLU A 514 4.86 33.11 -14.70
C GLU A 514 5.72 32.03 -14.05
N PRO A 515 6.51 32.42 -13.03
CA PRO A 515 7.34 31.39 -12.38
C PRO A 515 6.40 30.52 -11.56
N ALA A 516 6.75 29.26 -11.39
CA ALA A 516 5.89 28.37 -10.62
C ALA A 516 6.62 27.13 -10.16
N ILE A 517 6.00 26.41 -9.23
CA ILE A 517 6.57 25.18 -8.71
C ILE A 517 5.70 24.09 -9.31
N ILE A 518 6.33 23.10 -9.94
CA ILE A 518 5.59 22.00 -10.55
C ILE A 518 5.99 20.66 -9.94
N ILE A 519 5.04 20.01 -9.30
CA ILE A 519 5.28 18.72 -8.71
C ILE A 519 4.50 17.75 -9.57
N ALA A 520 5.20 16.84 -10.26
CA ALA A 520 4.53 15.89 -11.13
C ALA A 520 5.06 14.47 -11.13
N SER A 521 4.14 13.54 -11.32
CA SER A 521 4.45 12.13 -11.39
C SER A 521 5.02 11.90 -12.80
N SER A 522 5.97 10.98 -12.94
CA SER A 522 6.47 10.19 -11.83
C SER A 522 7.86 10.62 -11.39
N GLY A 523 8.26 10.12 -10.22
CA GLY A 523 9.52 10.48 -9.60
C GLY A 523 10.87 10.20 -10.25
N MET A 524 10.90 9.35 -11.28
CA MET A 524 12.17 9.05 -11.94
C MET A 524 12.16 9.35 -13.44
N LEU A 525 11.19 10.14 -13.89
CA LEU A 525 11.05 10.50 -15.30
C LEU A 525 10.93 9.30 -16.23
N VAL A 526 10.37 8.21 -15.73
CA VAL A 526 10.20 7.04 -16.58
C VAL A 526 9.01 7.30 -17.47
N GLY A 527 7.97 7.92 -16.92
CA GLY A 527 6.79 8.24 -17.69
C GLY A 527 5.89 9.22 -16.97
N GLY A 528 4.80 9.61 -17.62
CA GLY A 528 3.86 10.54 -17.02
C GLY A 528 4.20 11.99 -17.31
N PRO A 529 3.41 12.94 -16.78
CA PRO A 529 3.59 14.39 -16.96
C PRO A 529 4.99 14.94 -16.68
N SER A 530 5.70 14.36 -15.71
CA SER A 530 7.02 14.87 -15.40
C SER A 530 7.98 14.82 -16.58
N VAL A 531 7.78 13.86 -17.48
CA VAL A 531 8.65 13.75 -18.66
C VAL A 531 8.34 14.89 -19.64
N GLU A 532 7.08 15.29 -19.71
CA GLU A 532 6.70 16.39 -20.59
C GLU A 532 7.33 17.68 -20.07
N TYR A 533 7.14 17.95 -18.78
CA TYR A 533 7.71 19.15 -18.19
C TYR A 533 9.23 19.17 -18.38
N PHE A 534 9.88 18.05 -18.07
CA PHE A 534 11.34 17.97 -18.22
C PHE A 534 11.79 18.39 -19.59
N LYS A 535 11.28 17.70 -20.61
CA LYS A 535 11.60 17.94 -22.02
C LYS A 535 11.45 19.39 -22.48
N GLN A 536 10.33 20.02 -22.12
CA GLN A 536 10.10 21.40 -22.54
C GLN A 536 10.76 22.46 -21.65
N LEU A 537 11.21 22.07 -20.46
CA LEU A 537 11.86 23.03 -19.57
C LEU A 537 13.37 22.88 -19.53
N ALA A 538 13.85 21.67 -19.81
CA ALA A 538 15.29 21.36 -19.77
C ALA A 538 16.22 22.29 -20.56
N PRO A 539 15.75 22.86 -21.69
CA PRO A 539 16.59 23.76 -22.50
C PRO A 539 16.93 25.11 -21.85
N ASP A 540 15.94 25.71 -21.19
CA ASP A 540 16.11 27.02 -20.56
C ASP A 540 16.87 26.96 -19.23
N PRO A 541 18.00 27.67 -19.14
CA PRO A 541 18.81 27.68 -17.91
C PRO A 541 18.17 28.43 -16.73
N LYS A 542 17.01 29.01 -16.94
CA LYS A 542 16.32 29.73 -15.88
C LYS A 542 15.62 28.73 -14.97
N ASN A 543 15.24 27.59 -15.53
CA ASN A 543 14.51 26.57 -14.81
C ASN A 543 15.37 25.67 -13.92
N SER A 544 14.70 25.02 -12.97
CA SER A 544 15.35 24.12 -12.04
C SER A 544 14.58 22.81 -11.89
N ILE A 545 15.31 21.71 -11.78
CA ILE A 545 14.68 20.43 -11.58
C ILE A 545 15.29 19.89 -10.29
N ILE A 546 14.44 19.47 -9.37
CA ILE A 546 14.92 18.95 -8.09
C ILE A 546 14.52 17.51 -7.86
N PHE A 547 15.50 16.63 -7.76
CA PHE A 547 15.22 15.22 -7.51
C PHE A 547 15.14 15.03 -6.00
N VAL A 548 14.01 14.51 -5.54
CA VAL A 548 13.80 14.31 -4.12
C VAL A 548 13.58 12.83 -3.79
N SER A 549 13.85 11.96 -4.76
CA SER A 549 13.68 10.53 -4.53
C SER A 549 14.81 9.74 -5.16
N TYR A 550 14.86 8.46 -4.82
CA TYR A 550 15.89 7.57 -5.34
C TYR A 550 15.76 7.39 -6.85
N GLN A 551 16.84 7.64 -7.58
CA GLN A 551 16.82 7.47 -9.04
C GLN A 551 17.44 6.10 -9.36
N ALA A 552 16.58 5.15 -9.75
CA ALA A 552 17.02 3.81 -10.08
C ALA A 552 17.82 3.75 -11.38
N GLU A 553 18.72 2.77 -11.45
CA GLU A 553 19.54 2.57 -12.64
C GLU A 553 18.72 2.30 -13.88
N GLY A 554 19.04 2.99 -14.97
CA GLY A 554 18.33 2.80 -16.22
C GLY A 554 17.15 3.76 -16.39
N THR A 555 17.03 4.73 -15.51
CA THR A 555 15.94 5.69 -15.59
C THR A 555 16.48 6.98 -16.20
N LEU A 556 15.61 7.74 -16.85
CA LEU A 556 16.01 9.01 -17.45
C LEU A 556 16.43 9.93 -16.30
N GLY A 557 15.69 9.82 -15.20
CA GLY A 557 15.98 10.61 -14.02
C GLY A 557 17.41 10.43 -13.57
N ARG A 558 17.89 9.19 -13.48
CA ARG A 558 19.26 8.98 -13.06
C ARG A 558 20.26 9.53 -14.07
N GLN A 559 19.85 9.66 -15.33
CA GLN A 559 20.76 10.20 -16.33
C GLN A 559 20.91 11.69 -16.10
N VAL A 560 19.78 12.37 -15.97
CA VAL A 560 19.79 13.81 -15.74
C VAL A 560 20.57 14.12 -14.48
N GLN A 561 20.31 13.34 -13.44
CA GLN A 561 20.95 13.51 -12.14
C GLN A 561 22.47 13.32 -12.22
N SER A 562 22.92 12.50 -13.17
CA SER A 562 24.34 12.23 -13.34
C SER A 562 25.06 13.42 -13.95
N GLY A 563 24.29 14.36 -14.50
CA GLY A 563 24.89 15.52 -15.10
C GLY A 563 24.99 15.44 -16.62
N ILE A 564 24.64 14.28 -17.19
CA ILE A 564 24.66 14.11 -18.64
C ILE A 564 23.86 15.29 -19.19
N ARG A 565 24.51 16.15 -19.97
CA ARG A 565 23.82 17.33 -20.48
C ARG A 565 23.12 17.21 -21.84
N GLU A 566 23.16 16.01 -22.43
CA GLU A 566 22.51 15.77 -23.71
C GLU A 566 21.94 14.36 -23.68
N ILE A 567 20.62 14.27 -23.59
CA ILE A 567 19.96 12.98 -23.50
C ILE A 567 19.07 12.62 -24.70
N PRO A 568 19.37 11.49 -25.36
CA PRO A 568 18.60 11.02 -26.51
C PRO A 568 17.32 10.36 -26.01
N MET A 569 16.22 10.58 -26.72
CA MET A 569 14.94 10.00 -26.34
C MET A 569 14.21 9.54 -27.56
N VAL A 570 14.00 8.23 -27.68
CA VAL A 570 13.28 7.71 -28.82
C VAL A 570 11.85 8.23 -28.74
N GLY A 571 11.42 8.97 -29.76
CA GLY A 571 10.08 9.52 -29.76
C GLY A 571 9.13 8.73 -30.64
N GLU A 572 8.21 9.44 -31.29
CA GLU A 572 7.23 8.82 -32.19
C GLU A 572 7.88 8.42 -33.50
N GLU A 573 7.24 7.49 -34.21
CA GLU A 573 7.73 7.01 -35.50
C GLU A 573 9.23 6.69 -35.48
N GLY A 574 9.63 5.97 -34.45
CA GLY A 574 11.02 5.55 -34.30
C GLY A 574 12.14 6.57 -34.37
N ARG A 575 11.79 7.86 -34.41
CA ARG A 575 12.82 8.89 -34.49
C ARG A 575 13.28 9.32 -33.09
N THR A 576 14.59 9.29 -32.87
CA THR A 576 15.16 9.69 -31.59
C THR A 576 15.41 11.18 -31.60
N GLU A 577 15.21 11.79 -30.44
CA GLU A 577 15.40 13.22 -30.27
C GLU A 577 16.33 13.47 -29.10
N VAL A 578 17.22 14.46 -29.23
CA VAL A 578 18.14 14.75 -28.15
C VAL A 578 17.78 16.04 -27.39
N ILE A 579 17.47 15.87 -26.12
CA ILE A 579 17.12 17.02 -25.28
C ILE A 579 18.41 17.60 -24.73
N LYS A 580 18.55 18.92 -24.88
CA LYS A 580 19.73 19.59 -24.37
C LYS A 580 19.39 20.02 -22.95
N VAL A 581 20.19 19.58 -21.98
CA VAL A 581 19.94 19.91 -20.58
C VAL A 581 20.79 21.11 -20.13
N ASN A 582 20.11 22.22 -19.90
CA ASN A 582 20.80 23.44 -19.44
C ASN A 582 20.25 23.88 -18.09
N MET A 583 19.02 23.50 -17.79
CA MET A 583 18.39 23.85 -16.53
C MET A 583 19.28 23.36 -15.38
N GLU A 584 19.08 23.91 -14.19
CA GLU A 584 19.87 23.51 -13.04
C GLU A 584 19.38 22.17 -12.49
N VAL A 585 20.32 21.26 -12.25
CA VAL A 585 19.99 19.94 -11.73
C VAL A 585 20.37 19.85 -10.27
N HIS A 586 19.37 19.65 -9.41
CA HIS A 586 19.61 19.55 -7.97
C HIS A 586 19.10 18.23 -7.42
N THR A 587 19.70 17.82 -6.31
CA THR A 587 19.28 16.59 -5.63
C THR A 587 19.18 16.92 -4.15
N ILE A 588 18.01 16.73 -3.55
CA ILE A 588 17.83 16.98 -2.12
C ILE A 588 17.28 15.66 -1.56
N ASP A 589 18.13 14.83 -0.98
CA ASP A 589 17.63 13.55 -0.46
C ASP A 589 17.13 13.57 0.98
N GLY A 590 16.95 14.76 1.54
CA GLY A 590 16.48 14.85 2.92
C GLY A 590 15.01 14.53 3.08
N PHE A 591 14.30 14.29 1.97
CA PHE A 591 12.87 13.98 2.05
C PHE A 591 12.57 12.50 1.78
N SER A 592 13.63 11.72 1.58
CA SER A 592 13.52 10.30 1.30
C SER A 592 12.58 9.50 2.20
N GLY A 593 11.93 8.51 1.60
CA GLY A 593 11.03 7.67 2.35
C GLY A 593 11.78 6.42 2.79
N HIS A 594 13.07 6.35 2.46
CA HIS A 594 13.90 5.20 2.83
C HIS A 594 14.82 5.52 3.99
N ALA A 595 15.02 4.55 4.87
CA ALA A 595 15.93 4.70 6.01
C ALA A 595 17.32 4.86 5.40
N ASP A 596 18.14 5.78 5.93
CA ASP A 596 19.47 5.93 5.35
C ASP A 596 20.44 4.98 6.06
N ARG A 597 21.72 4.97 5.69
CA ARG A 597 22.68 4.04 6.30
C ARG A 597 22.62 4.06 7.83
N ARG A 598 22.60 5.25 8.41
CA ARG A 598 22.55 5.38 9.86
C ARG A 598 21.27 4.77 10.40
N GLU A 599 20.13 5.03 9.74
CA GLU A 599 18.85 4.51 10.19
C GLU A 599 18.76 3.00 10.08
N LEU A 600 19.25 2.46 8.97
CA LEU A 600 19.24 1.02 8.77
C LEU A 600 20.01 0.35 9.90
N MET A 601 21.23 0.82 10.15
CA MET A 601 22.05 0.24 11.21
C MET A 601 21.37 0.41 12.57
N ASN A 602 20.74 1.56 12.80
CA ASN A 602 20.06 1.79 14.06
C ASN A 602 18.89 0.84 14.21
N TYR A 603 18.18 0.59 13.11
CA TYR A 603 17.02 -0.31 13.14
C TYR A 603 17.44 -1.68 13.67
N VAL A 604 18.56 -2.18 13.15
CA VAL A 604 19.06 -3.47 13.58
C VAL A 604 19.38 -3.42 15.07
N ALA A 605 19.89 -2.27 15.51
CA ALA A 605 20.25 -2.10 16.92
C ALA A 605 19.03 -2.15 17.83
N LYS A 606 17.96 -1.44 17.44
CA LYS A 606 16.73 -1.36 18.23
C LYS A 606 15.73 -2.50 18.06
N VAL A 607 15.76 -3.19 16.92
CA VAL A 607 14.81 -4.26 16.69
C VAL A 607 14.86 -5.28 17.82
N ARG A 608 13.68 -5.71 18.24
CA ARG A 608 13.56 -6.65 19.34
C ARG A 608 12.34 -7.55 19.09
N PRO A 609 12.48 -8.87 19.27
CA PRO A 609 13.70 -9.59 19.68
C PRO A 609 14.83 -9.58 18.65
N ARG A 610 16.07 -9.59 19.13
CA ARG A 610 17.23 -9.57 18.27
C ARG A 610 17.18 -10.78 17.35
N PRO A 611 17.09 -10.54 16.04
CA PRO A 611 17.03 -11.64 15.07
C PRO A 611 18.31 -12.49 15.04
N GLU A 612 18.15 -13.79 14.84
CA GLU A 612 19.28 -14.70 14.77
C GLU A 612 19.91 -14.64 13.39
N ARG A 613 19.17 -14.07 12.45
CA ARG A 613 19.65 -13.95 11.08
C ARG A 613 19.03 -12.74 10.36
N ILE A 614 19.83 -12.06 9.55
CA ILE A 614 19.34 -10.90 8.79
C ILE A 614 19.69 -11.05 7.31
N ILE A 615 18.69 -10.86 6.45
CA ILE A 615 18.90 -10.97 5.01
C ILE A 615 18.66 -9.62 4.33
N THR A 616 19.70 -9.06 3.72
CA THR A 616 19.60 -7.77 3.06
C THR A 616 19.18 -7.88 1.60
N VAL A 617 18.19 -7.08 1.23
CA VAL A 617 17.66 -7.08 -0.12
C VAL A 617 17.30 -5.67 -0.54
N HIS A 618 16.67 -5.57 -1.72
CA HIS A 618 16.19 -4.30 -2.23
C HIS A 618 17.23 -3.18 -2.13
N GLY A 619 18.28 -3.29 -2.93
CA GLY A 619 19.32 -2.28 -2.96
C GLY A 619 20.32 -2.67 -4.02
N GLU A 620 21.10 -1.71 -4.54
CA GLU A 620 22.10 -2.05 -5.55
C GLU A 620 23.01 -3.12 -4.94
N PRO A 621 23.52 -4.04 -5.78
CA PRO A 621 24.40 -5.14 -5.37
C PRO A 621 25.40 -4.86 -4.26
N GLN A 622 26.29 -3.90 -4.51
CA GLN A 622 27.33 -3.57 -3.55
C GLN A 622 26.74 -3.07 -2.23
N LYS A 623 25.66 -2.32 -2.30
CA LYS A 623 25.01 -1.79 -1.10
C LYS A 623 24.43 -2.91 -0.21
N CYS A 624 23.85 -3.94 -0.84
CA CYS A 624 23.30 -5.07 -0.09
C CYS A 624 24.44 -5.76 0.66
N LEU A 625 25.53 -6.05 -0.05
CA LEU A 625 26.70 -6.71 0.54
C LEU A 625 27.31 -5.84 1.64
N ASP A 626 27.51 -4.56 1.32
CA ASP A 626 28.09 -3.61 2.28
C ASP A 626 27.30 -3.63 3.59
N LEU A 627 25.98 -3.46 3.50
CA LEU A 627 25.13 -3.48 4.68
C LEU A 627 25.23 -4.80 5.44
N ALA A 628 25.12 -5.91 4.72
CA ALA A 628 25.20 -7.25 5.30
C ALA A 628 26.55 -7.49 5.99
N THR A 629 27.62 -7.06 5.35
CA THR A 629 28.95 -7.22 5.94
C THR A 629 29.01 -6.34 7.19
N SER A 630 28.57 -5.11 7.04
CA SER A 630 28.57 -4.16 8.16
C SER A 630 27.73 -4.62 9.35
N ILE A 631 26.56 -5.19 9.10
CA ILE A 631 25.74 -5.64 10.21
C ILE A 631 26.45 -6.76 10.97
N HIS A 632 27.04 -7.71 10.24
CA HIS A 632 27.74 -8.81 10.90
C HIS A 632 28.92 -8.31 11.74
N ARG A 633 29.71 -7.44 11.15
CA ARG A 633 30.89 -6.87 11.79
C ARG A 633 30.55 -6.08 13.06
N LYS A 634 29.46 -5.32 13.03
CA LYS A 634 29.10 -4.52 14.20
C LYS A 634 28.24 -5.20 15.25
N PHE A 635 27.35 -6.10 14.83
CA PHE A 635 26.47 -6.75 15.78
C PHE A 635 26.71 -8.25 15.90
N GLY A 636 27.64 -8.76 15.09
CA GLY A 636 27.93 -10.19 15.12
C GLY A 636 26.75 -11.08 14.76
N ILE A 637 25.77 -10.55 14.04
CA ILE A 637 24.60 -11.34 13.63
C ILE A 637 24.85 -11.95 12.26
N SER A 638 24.37 -13.17 12.03
CA SER A 638 24.54 -13.80 10.73
C SER A 638 23.79 -12.99 9.68
N THR A 639 24.44 -12.70 8.56
CA THR A 639 23.79 -11.93 7.51
C THR A 639 24.07 -12.51 6.13
N ARG A 640 23.27 -12.11 5.15
CA ARG A 640 23.46 -12.57 3.78
C ARG A 640 22.73 -11.69 2.77
N ALA A 641 23.42 -11.36 1.68
CA ALA A 641 22.87 -10.56 0.60
C ALA A 641 22.71 -11.53 -0.59
N PRO A 642 21.63 -12.31 -0.59
CA PRO A 642 21.39 -13.27 -1.68
C PRO A 642 21.13 -12.69 -3.05
N ASN A 643 21.26 -13.55 -4.06
CA ASN A 643 21.01 -13.19 -5.46
C ASN A 643 19.59 -13.66 -5.77
N ASN A 644 19.00 -13.18 -6.86
CA ASN A 644 17.67 -13.67 -7.21
C ASN A 644 17.88 -15.15 -7.53
N LEU A 645 16.84 -15.94 -7.32
CA LEU A 645 16.90 -17.37 -7.60
C LEU A 645 17.66 -18.15 -6.54
N ASP A 646 18.13 -17.44 -5.51
CA ASP A 646 18.79 -18.07 -4.36
C ASP A 646 17.62 -18.52 -3.48
N THR A 647 17.79 -19.63 -2.77
CA THR A 647 16.77 -20.11 -1.85
C THR A 647 17.44 -20.39 -0.54
N ILE A 648 16.93 -19.79 0.53
CA ILE A 648 17.53 -19.98 1.84
C ILE A 648 16.63 -20.82 2.73
N ARG A 649 17.14 -21.96 3.15
CA ARG A 649 16.39 -22.83 4.04
C ARG A 649 16.53 -22.16 5.40
N LEU A 650 15.43 -22.04 6.14
CA LEU A 650 15.47 -21.39 7.44
C LEU A 650 15.22 -22.42 8.51
N ARG A 651 16.29 -22.89 9.14
CA ARG A 651 16.15 -23.90 10.18
C ARG A 651 16.57 -23.31 11.53
S SO4 B . 18.71 -11.68 -12.68
O1 SO4 B . 17.97 -11.86 -13.94
O2 SO4 B . 18.10 -12.49 -11.65
O3 SO4 B . 20.10 -12.09 -12.87
O4 SO4 B . 18.68 -10.27 -12.30
S SO4 C . -19.33 14.45 15.56
O1 SO4 C . -19.10 13.00 15.39
O2 SO4 C . -20.78 14.69 15.69
O3 SO4 C . -18.64 14.90 16.77
O4 SO4 C . -18.82 15.18 14.39
S SO4 D . 9.02 7.46 -2.46
O1 SO4 D . 9.17 6.15 -3.12
O2 SO4 D . 8.04 7.36 -1.37
O3 SO4 D . 10.32 7.88 -1.92
O4 SO4 D . 8.55 8.45 -3.45
S SO4 E . 28.20 -14.41 -4.64
O1 SO4 E . 27.57 -13.95 -5.90
O2 SO4 E . 27.40 -15.51 -4.05
O3 SO4 E . 29.57 -14.88 -4.93
O4 SO4 E . 28.26 -13.30 -3.68
S SO4 F . 4.38 -15.69 17.73
O1 SO4 F . 5.12 -16.82 17.16
O2 SO4 F . 2.95 -16.05 17.82
O3 SO4 F . 4.90 -15.37 19.07
O4 SO4 F . 4.53 -14.51 16.86
S SO4 G . 11.37 2.42 -4.32
O1 SO4 G . 11.90 3.31 -5.37
O2 SO4 G . 9.96 2.14 -4.60
O3 SO4 G . 12.14 1.17 -4.31
O4 SO4 G . 11.47 3.08 -3.00
C ACY H . 1.19 5.20 11.67
O ACY H . 1.59 4.77 12.73
OXT ACY H . -0.11 5.17 11.39
CH3 ACY H . 2.17 5.78 10.66
C ACY I . -10.85 -3.49 -19.92
O ACY I . -11.19 -4.49 -19.34
OXT ACY I . -10.91 -2.30 -19.30
CH3 ACY I . -10.34 -3.59 -21.34
C ACY J . -11.70 -7.24 5.14
O ACY J . -11.01 -8.07 5.70
OXT ACY J . -12.47 -6.41 5.87
CH3 ACY J . -11.69 -7.13 3.64
C ACY K . -5.28 1.39 12.31
O ACY K . -4.60 0.47 11.93
OXT ACY K . -4.75 2.62 12.43
CH3 ACY K . -6.74 1.17 12.67
ZN ZN L . 8.36 2.17 -1.89
ZN ZN M . 16.73 -20.52 15.34
ZN ZN N . -6.64 25.16 -13.18
ZN ZN O . 10.74 -0.35 -3.13
#